data_1SE6
#
_entry.id   1SE6
#
_cell.length_a   59.554
_cell.length_b   79.206
_cell.length_c   87.430
_cell.angle_alpha   90.00
_cell.angle_beta   92.26
_cell.angle_gamma   90.00
#
_symmetry.space_group_name_H-M   'P 1 21 1'
#
loop_
_entity.id
_entity.type
_entity.pdbx_description
1 polymer 'putative cytochrome P450'
2 non-polymer 'SPERMINE (FULLY PROTONATED FORM)'
3 non-polymer 'PROTOPORPHYRIN IX CONTAINING FE'
4 non-polymer '2-(N-MORPHOLINO)-ETHANESULFONIC ACID'
5 water water
#
_entity_poly.entity_id   1
_entity_poly.type   'polypeptide(L)'
_entity_poly.pdbx_seq_one_letter_code
;MTEETISQAVPPVRDWPAVDLPGSDFDPVLTELMREGPVTRISLPNGEGWAWLVTRHDDVRLVTNDPRFGREAVMDRQVT
RLAPHFIPARGAVGFLDPPDHTRLRRSVAAAFTARGVERVRERSRGMLDELVDAMLRAGPPADLTEAVLSPFPIAVICEL
MGVPATDRHSMHTWTQLILSSSHGAEVSERAKNEMNAYFSDLIGLRSDSAGEDVTSLLGAAVGRDEITLSEAVGLAVLLQ
IGGEAVTNNSGQMFHLLLSRPELAERLRSEPEIRPRAIDELLRWIPHRNAVGLSRIALEDVEIKGVRIRAGDAVYVSYLA
ANRDPEVFPDPDRIDFERSPNPHVSFGFGPHYCPGGMLARLESELLVDAVLDRVPGLKLAVAPEDVPFKKGALIRGPEAL
PVTWHH
;
_entity_poly.pdbx_strand_id   A,B
#
# COMPACT_ATOMS: atom_id res chain seq x y z
N THR A 5 -62.98 -24.87 52.14
CA THR A 5 -63.61 -24.72 53.48
C THR A 5 -62.57 -24.89 54.58
N ILE A 6 -62.35 -26.15 54.97
CA ILE A 6 -61.40 -26.52 56.01
C ILE A 6 -60.20 -25.58 56.17
N SER A 7 -59.87 -25.28 57.42
CA SER A 7 -58.75 -24.39 57.74
C SER A 7 -57.41 -25.07 57.46
N GLN A 8 -56.46 -24.30 56.95
CA GLN A 8 -55.12 -24.81 56.67
C GLN A 8 -54.22 -24.11 57.67
N ALA A 9 -53.72 -24.85 58.65
CA ALA A 9 -52.87 -24.27 59.69
C ALA A 9 -51.62 -23.62 59.12
N VAL A 10 -51.22 -22.47 59.69
CA VAL A 10 -50.03 -21.79 59.22
C VAL A 10 -48.82 -22.66 59.59
N PRO A 11 -47.74 -22.56 58.81
CA PRO A 11 -46.51 -23.32 59.02
C PRO A 11 -45.84 -22.86 60.31
N PRO A 12 -45.09 -23.75 60.97
CA PRO A 12 -44.42 -23.34 62.21
C PRO A 12 -43.34 -22.34 61.82
N VAL A 13 -42.95 -21.46 62.74
CA VAL A 13 -41.90 -20.50 62.45
C VAL A 13 -40.59 -21.26 62.61
N ARG A 14 -39.79 -21.31 61.54
CA ARG A 14 -38.52 -22.00 61.57
C ARG A 14 -37.38 -21.02 61.78
N ASP A 15 -36.58 -21.25 62.81
CA ASP A 15 -35.45 -20.38 63.11
C ASP A 15 -34.31 -20.70 62.15
N TRP A 16 -33.71 -19.67 61.57
CA TRP A 16 -32.63 -19.85 60.61
C TRP A 16 -31.34 -19.11 61.02
N PRO A 17 -30.57 -19.69 61.95
CA PRO A 17 -29.32 -19.11 62.47
C PRO A 17 -28.24 -18.92 61.40
N ALA A 18 -27.38 -17.93 61.59
CA ALA A 18 -26.28 -17.70 60.65
C ALA A 18 -25.27 -18.83 60.84
N VAL A 19 -24.92 -19.49 59.75
CA VAL A 19 -23.97 -20.59 59.80
C VAL A 19 -23.00 -20.47 58.63
N ASP A 20 -21.71 -20.67 58.90
CA ASP A 20 -20.71 -20.59 57.83
C ASP A 20 -20.65 -21.93 57.13
N LEU A 21 -21.11 -21.96 55.88
CA LEU A 21 -21.13 -23.18 55.10
C LEU A 21 -19.82 -23.37 54.34
N PRO A 22 -19.34 -24.61 54.27
CA PRO A 22 -18.08 -24.92 53.56
C PRO A 22 -18.24 -24.83 52.05
N GLY A 23 -17.24 -24.26 51.39
CA GLY A 23 -17.26 -24.13 49.95
C GLY A 23 -18.59 -23.73 49.33
N SER A 24 -19.07 -24.56 48.41
CA SER A 24 -20.35 -24.31 47.73
C SER A 24 -21.45 -25.26 48.21
N ASP A 25 -21.27 -25.89 49.36
CA ASP A 25 -22.27 -26.82 49.89
C ASP A 25 -23.62 -26.12 50.15
N PHE A 26 -24.70 -26.85 49.90
CA PHE A 26 -26.03 -26.28 50.09
C PHE A 26 -26.41 -26.18 51.56
N ASP A 27 -27.18 -25.14 51.88
CA ASP A 27 -27.64 -24.90 53.25
C ASP A 27 -28.67 -25.97 53.63
N PRO A 28 -28.34 -26.85 54.58
CA PRO A 28 -29.28 -27.90 54.98
C PRO A 28 -30.59 -27.37 55.54
N VAL A 29 -30.57 -26.18 56.14
CA VAL A 29 -31.79 -25.59 56.67
C VAL A 29 -32.72 -25.18 55.52
N LEU A 30 -32.14 -24.65 54.45
CA LEU A 30 -32.94 -24.26 53.30
C LEU A 30 -33.54 -25.52 52.70
N THR A 31 -32.76 -26.60 52.69
CA THR A 31 -33.21 -27.88 52.17
C THR A 31 -34.43 -28.32 52.98
N GLU A 32 -34.34 -28.18 54.30
CA GLU A 32 -35.44 -28.54 55.19
C GLU A 32 -36.69 -27.77 54.79
N LEU A 33 -36.53 -26.45 54.67
CA LEU A 33 -37.65 -25.59 54.30
C LEU A 33 -38.22 -25.98 52.92
N MET A 34 -37.34 -26.28 51.96
CA MET A 34 -37.80 -26.66 50.63
C MET A 34 -38.68 -27.92 50.68
N ARG A 35 -38.38 -28.81 51.63
CA ARG A 35 -39.12 -30.05 51.74
C ARG A 35 -40.42 -29.95 52.55
N GLU A 36 -40.55 -28.87 53.32
N GLU A 36 -40.55 -28.86 53.33
CA GLU A 36 -41.72 -28.67 54.17
CA GLU A 36 -41.73 -28.67 54.16
C GLU A 36 -43.01 -28.28 53.46
C GLU A 36 -43.01 -28.27 53.46
N GLY A 37 -42.90 -27.64 52.30
CA GLY A 37 -44.08 -27.21 51.56
C GLY A 37 -43.70 -25.96 50.80
N PRO A 38 -44.53 -25.46 49.86
CA PRO A 38 -44.15 -24.26 49.13
C PRO A 38 -44.12 -22.97 49.94
N VAL A 39 -44.93 -22.90 51.00
CA VAL A 39 -44.96 -21.69 51.82
C VAL A 39 -44.60 -21.99 53.26
N THR A 40 -43.55 -21.33 53.73
CA THR A 40 -43.07 -21.52 55.10
C THR A 40 -42.94 -20.17 55.80
N ARG A 41 -42.55 -20.20 57.07
CA ARG A 41 -42.34 -18.99 57.85
C ARG A 41 -40.98 -19.13 58.49
N ILE A 42 -40.20 -18.04 58.48
CA ILE A 42 -38.85 -18.05 59.05
C ILE A 42 -38.58 -16.88 59.96
N SER A 43 -37.56 -17.03 60.80
CA SER A 43 -37.13 -15.96 61.69
C SER A 43 -35.61 -15.96 61.55
N LEU A 44 -35.04 -14.81 61.16
CA LEU A 44 -33.60 -14.69 60.97
C LEU A 44 -32.93 -14.08 62.20
N PRO A 45 -31.59 -14.06 62.25
CA PRO A 45 -30.84 -13.51 63.39
C PRO A 45 -31.19 -12.10 63.88
N ASN A 46 -31.35 -11.18 62.93
CA ASN A 46 -31.63 -9.80 63.28
C ASN A 46 -33.04 -9.35 62.89
N GLY A 47 -33.38 -8.11 63.21
CA GLY A 47 -34.72 -7.65 62.92
C GLY A 47 -35.59 -8.37 63.93
N GLU A 48 -36.91 -8.24 63.80
CA GLU A 48 -37.81 -8.88 64.75
C GLU A 48 -38.96 -9.64 64.10
N GLY A 49 -39.42 -10.68 64.79
CA GLY A 49 -40.55 -11.46 64.30
C GLY A 49 -40.27 -12.48 63.23
N TRP A 50 -41.28 -12.74 62.40
CA TRP A 50 -41.16 -13.72 61.33
C TRP A 50 -41.52 -13.14 59.97
N ALA A 51 -41.30 -13.95 58.94
CA ALA A 51 -41.62 -13.55 57.57
C ALA A 51 -41.95 -14.82 56.80
N TRP A 52 -42.76 -14.68 55.76
CA TRP A 52 -43.10 -15.82 54.92
C TRP A 52 -41.91 -16.11 54.00
N LEU A 53 -41.84 -17.33 53.50
CA LEU A 53 -40.77 -17.70 52.58
C LEU A 53 -41.37 -18.57 51.48
N VAL A 54 -40.99 -18.30 50.24
CA VAL A 54 -41.44 -19.13 49.12
C VAL A 54 -40.18 -19.66 48.46
N THR A 55 -40.22 -20.94 48.08
CA THR A 55 -39.08 -21.61 47.49
C THR A 55 -39.28 -22.17 46.09
N ARG A 56 -40.54 -22.40 45.69
CA ARG A 56 -40.81 -22.94 44.36
C ARG A 56 -40.62 -21.85 43.30
N HIS A 57 -40.13 -22.28 42.14
CA HIS A 57 -39.86 -21.37 41.02
C HIS A 57 -41.07 -20.53 40.60
N ASP A 58 -42.26 -21.13 40.57
CA ASP A 58 -43.43 -20.34 40.19
C ASP A 58 -43.81 -19.31 41.26
N ASP A 59 -43.73 -19.69 42.53
CA ASP A 59 -44.08 -18.74 43.59
C ASP A 59 -43.02 -17.65 43.72
N VAL A 60 -41.78 -17.98 43.42
CA VAL A 60 -40.72 -16.99 43.50
C VAL A 60 -40.95 -15.94 42.41
N ARG A 61 -41.34 -16.37 41.21
CA ARG A 61 -41.59 -15.42 40.13
C ARG A 61 -42.81 -14.55 40.45
N LEU A 62 -43.84 -15.16 41.03
CA LEU A 62 -45.06 -14.43 41.38
C LEU A 62 -44.79 -13.29 42.37
N VAL A 63 -44.13 -13.61 43.48
CA VAL A 63 -43.84 -12.61 44.50
C VAL A 63 -42.93 -11.48 44.03
N THR A 64 -41.91 -11.80 43.25
CA THR A 64 -40.99 -10.78 42.77
C THR A 64 -41.49 -9.94 41.61
N ASN A 65 -42.53 -10.42 40.92
CA ASN A 65 -43.04 -9.69 39.76
C ASN A 65 -44.47 -9.16 39.90
N ASP A 66 -45.09 -9.37 41.07
CA ASP A 66 -46.45 -8.91 41.25
C ASP A 66 -46.48 -7.56 41.95
N PRO A 67 -47.19 -6.57 41.36
CA PRO A 67 -47.30 -5.22 41.89
C PRO A 67 -47.84 -5.13 43.33
N ARG A 68 -48.48 -6.20 43.80
CA ARG A 68 -49.05 -6.21 45.14
C ARG A 68 -48.00 -6.31 46.26
N PHE A 69 -46.74 -6.56 45.90
CA PHE A 69 -45.68 -6.64 46.88
C PHE A 69 -44.76 -5.43 46.74
N GLY A 70 -44.46 -4.78 47.85
CA GLY A 70 -43.63 -3.60 47.79
C GLY A 70 -42.34 -3.64 48.59
N ARG A 71 -41.42 -2.75 48.23
CA ARG A 71 -40.12 -2.67 48.89
C ARG A 71 -40.03 -1.50 49.86
N GLU A 72 -40.71 -0.42 49.53
CA GLU A 72 -40.71 0.79 50.36
C GLU A 72 -41.18 0.50 51.79
N ALA A 73 -42.21 -0.31 51.92
CA ALA A 73 -42.78 -0.67 53.22
C ALA A 73 -41.85 -1.45 54.15
N VAL A 74 -40.79 -2.05 53.62
CA VAL A 74 -39.87 -2.82 54.45
C VAL A 74 -39.19 -1.91 55.48
N MET A 75 -39.14 -0.63 55.16
CA MET A 75 -38.50 0.35 56.06
C MET A 75 -39.42 0.82 57.19
N ASP A 76 -40.67 0.36 57.18
CA ASP A 76 -41.63 0.76 58.22
C ASP A 76 -41.48 0.07 59.57
N ARG A 77 -40.58 -0.91 59.64
CA ARG A 77 -40.36 -1.65 60.89
C ARG A 77 -39.09 -2.48 60.83
N GLN A 78 -38.86 -3.29 61.86
CA GLN A 78 -37.69 -4.16 61.91
C GLN A 78 -38.01 -5.56 61.37
N VAL A 79 -38.13 -5.69 60.05
CA VAL A 79 -38.42 -7.01 59.46
C VAL A 79 -37.27 -7.96 59.77
N THR A 80 -37.60 -9.18 60.18
CA THR A 80 -36.59 -10.19 60.50
C THR A 80 -35.65 -10.30 59.28
N ARG A 81 -34.35 -10.32 59.53
CA ARG A 81 -33.36 -10.37 58.45
C ARG A 81 -32.02 -11.00 58.87
N LEU A 82 -31.17 -11.30 57.90
CA LEU A 82 -29.86 -11.87 58.18
C LEU A 82 -28.85 -10.79 58.56
N ALA A 83 -28.83 -9.72 57.77
CA ALA A 83 -27.90 -8.60 57.99
C ALA A 83 -28.12 -7.92 59.33
N PRO A 84 -27.03 -7.52 60.00
CA PRO A 84 -27.15 -6.85 61.29
C PRO A 84 -28.06 -5.61 61.28
N HIS A 85 -28.04 -4.84 60.19
CA HIS A 85 -28.87 -3.64 60.09
C HIS A 85 -29.26 -3.30 58.65
N PHE A 86 -30.12 -2.29 58.48
CA PHE A 86 -30.53 -1.86 57.15
C PHE A 86 -30.17 -0.38 56.94
N ILE A 87 -28.87 -0.12 56.85
CA ILE A 87 -28.34 1.24 56.64
C ILE A 87 -28.93 1.93 55.42
N PRO A 88 -29.05 1.21 54.29
CA PRO A 88 -29.62 1.87 53.12
C PRO A 88 -31.09 2.14 53.37
N ALA A 89 -31.35 3.02 54.34
CA ALA A 89 -32.71 3.37 54.71
C ALA A 89 -33.50 3.64 53.43
N ARG A 90 -33.56 4.90 53.02
CA ARG A 90 -34.30 5.25 51.82
C ARG A 90 -33.39 5.78 50.72
N GLY A 91 -33.90 5.81 49.49
CA GLY A 91 -33.11 6.31 48.38
C GLY A 91 -32.41 5.21 47.60
N ALA A 92 -32.02 4.13 48.28
CA ALA A 92 -31.34 3.03 47.60
C ALA A 92 -32.34 2.36 46.67
N VAL A 93 -31.90 2.07 45.45
CA VAL A 93 -32.77 1.46 44.45
C VAL A 93 -33.52 0.23 44.96
N GLY A 94 -32.85 -0.57 45.78
CA GLY A 94 -33.47 -1.77 46.32
C GLY A 94 -34.68 -1.50 47.19
N PHE A 95 -34.69 -0.32 47.83
CA PHE A 95 -35.78 0.05 48.71
C PHE A 95 -36.81 0.98 48.07
N LEU A 96 -36.81 1.05 46.74
CA LEU A 96 -37.75 1.91 46.02
C LEU A 96 -38.83 1.12 45.29
N ASP A 97 -40.00 1.73 45.11
CA ASP A 97 -41.10 1.12 44.40
C ASP A 97 -41.35 1.85 43.08
N PRO A 98 -42.05 1.18 42.13
CA PRO A 98 -42.40 1.64 40.78
C PRO A 98 -42.29 3.12 40.44
N PRO A 99 -42.89 4.01 41.24
CA PRO A 99 -42.69 5.39 40.79
C PRO A 99 -41.19 5.73 40.67
N ASP A 100 -40.56 6.03 41.80
CA ASP A 100 -39.14 6.36 41.81
C ASP A 100 -38.23 5.25 41.29
N HIS A 101 -38.52 4.01 41.66
CA HIS A 101 -37.69 2.90 41.21
C HIS A 101 -37.56 2.84 39.69
N THR A 102 -38.70 2.98 39.01
CA THR A 102 -38.72 2.93 37.55
C THR A 102 -37.90 4.04 36.91
N ARG A 103 -37.97 5.25 37.48
CA ARG A 103 -37.20 6.37 36.93
C ARG A 103 -35.71 6.05 37.05
N LEU A 104 -35.30 5.57 38.21
CA LEU A 104 -33.92 5.24 38.47
C LEU A 104 -33.36 4.15 37.56
N ARG A 105 -34.08 3.02 37.47
CA ARG A 105 -33.61 1.93 36.61
C ARG A 105 -33.63 2.31 35.14
N ARG A 106 -34.63 3.07 34.72
CA ARG A 106 -34.74 3.47 33.32
C ARG A 106 -33.57 4.37 32.87
N SER A 107 -33.07 5.21 33.76
CA SER A 107 -31.97 6.10 33.42
C SER A 107 -30.69 5.41 32.92
N VAL A 108 -30.45 4.18 33.35
CA VAL A 108 -29.24 3.46 32.96
C VAL A 108 -29.48 2.12 32.27
N ALA A 109 -30.74 1.72 32.16
CA ALA A 109 -31.09 0.43 31.54
C ALA A 109 -30.37 0.08 30.24
N ALA A 110 -30.30 1.04 29.31
CA ALA A 110 -29.68 0.80 28.02
C ALA A 110 -28.22 0.35 28.05
N ALA A 111 -27.50 0.73 29.09
CA ALA A 111 -26.11 0.36 29.21
C ALA A 111 -25.93 -1.06 29.73
N PHE A 112 -26.96 -1.60 30.36
CA PHE A 112 -26.87 -2.94 30.93
C PHE A 112 -27.57 -4.07 30.20
N THR A 113 -28.18 -3.79 29.06
CA THR A 113 -28.84 -4.84 28.29
C THR A 113 -27.75 -5.65 27.59
N ALA A 114 -28.13 -6.78 27.01
CA ALA A 114 -27.18 -7.63 26.30
C ALA A 114 -26.38 -6.80 25.31
N ARG A 115 -27.07 -5.98 24.51
CA ARG A 115 -26.40 -5.15 23.52
C ARG A 115 -25.61 -4.04 24.19
N GLY A 116 -26.13 -3.52 25.29
CA GLY A 116 -25.44 -2.46 26.00
C GLY A 116 -24.07 -2.87 26.49
N VAL A 117 -23.97 -3.99 27.21
CA VAL A 117 -22.68 -4.41 27.73
C VAL A 117 -21.69 -4.88 26.68
N GLU A 118 -22.18 -5.19 25.48
CA GLU A 118 -21.28 -5.63 24.41
C GLU A 118 -20.31 -4.52 24.00
N ARG A 119 -20.65 -3.28 24.35
CA ARG A 119 -19.81 -2.13 24.03
C ARG A 119 -18.42 -2.22 24.65
N VAL A 120 -18.36 -2.74 25.88
CA VAL A 120 -17.10 -2.85 26.59
C VAL A 120 -16.42 -4.21 26.50
N ARG A 121 -16.94 -5.10 25.66
CA ARG A 121 -16.36 -6.43 25.54
C ARG A 121 -14.89 -6.44 25.10
N GLU A 122 -14.60 -5.77 24.00
CA GLU A 122 -13.25 -5.70 23.47
C GLU A 122 -12.22 -5.21 24.48
N ARG A 123 -12.48 -4.02 25.03
CA ARG A 123 -11.57 -3.42 26.00
C ARG A 123 -11.42 -4.30 27.24
N SER A 124 -12.53 -4.88 27.68
CA SER A 124 -12.49 -5.75 28.85
C SER A 124 -11.62 -6.97 28.59
N ARG A 125 -11.73 -7.53 27.39
CA ARG A 125 -10.93 -8.69 27.02
C ARG A 125 -9.45 -8.32 27.11
N GLY A 126 -9.13 -7.11 26.64
CA GLY A 126 -7.76 -6.64 26.68
C GLY A 126 -7.28 -6.42 28.09
N MET A 127 -8.17 -5.87 28.93
CA MET A 127 -7.82 -5.59 30.32
C MET A 127 -7.53 -6.90 31.03
N LEU A 128 -8.31 -7.93 30.73
CA LEU A 128 -8.13 -9.24 31.35
C LEU A 128 -6.77 -9.82 30.91
N ASP A 129 -6.44 -9.69 29.63
CA ASP A 129 -5.17 -10.23 29.16
C ASP A 129 -3.99 -9.59 29.87
N GLU A 130 -4.10 -8.32 30.22
N GLU A 130 -4.10 -8.31 30.20
CA GLU A 130 -3.00 -7.66 30.93
CA GLU A 130 -3.02 -7.64 30.92
C GLU A 130 -2.86 -8.26 32.32
C GLU A 130 -2.85 -8.25 32.30
N LEU A 131 -3.99 -8.53 32.97
CA LEU A 131 -3.98 -9.12 34.30
C LEU A 131 -3.36 -10.52 34.26
N VAL A 132 -3.75 -11.32 33.26
CA VAL A 132 -3.23 -12.67 33.13
C VAL A 132 -1.75 -12.61 32.74
N ASP A 133 -1.38 -11.66 31.89
CA ASP A 133 0.02 -11.49 31.50
C ASP A 133 0.86 -11.31 32.76
N ALA A 134 0.40 -10.44 33.66
CA ALA A 134 1.13 -10.16 34.90
C ALA A 134 1.25 -11.37 35.78
N MET A 135 0.14 -12.10 35.93
CA MET A 135 0.14 -13.31 36.76
C MET A 135 1.11 -14.35 36.21
N LEU A 136 1.11 -14.52 34.89
CA LEU A 136 2.00 -15.48 34.26
C LEU A 136 3.47 -15.09 34.40
N ARG A 137 3.77 -13.80 34.26
CA ARG A 137 5.16 -13.36 34.38
C ARG A 137 5.68 -13.53 35.80
N ALA A 138 4.80 -13.36 36.78
CA ALA A 138 5.20 -13.48 38.17
C ALA A 138 5.51 -14.92 38.58
N GLY A 139 4.97 -15.90 37.86
CA GLY A 139 5.24 -17.28 38.20
C GLY A 139 4.14 -17.95 39.00
N PRO A 140 3.92 -19.27 38.78
CA PRO A 140 2.97 -20.25 39.32
C PRO A 140 2.19 -20.02 40.60
N PRO A 141 2.86 -19.98 41.76
CA PRO A 141 2.02 -19.76 42.94
C PRO A 141 1.23 -18.45 42.84
N ALA A 142 -0.11 -18.52 42.84
CA ALA A 142 -0.91 -17.32 42.76
C ALA A 142 -2.28 -17.44 43.39
N ASP A 143 -2.80 -16.32 43.90
CA ASP A 143 -4.14 -16.27 44.46
C ASP A 143 -4.95 -15.72 43.29
N LEU A 144 -5.69 -16.58 42.61
CA LEU A 144 -6.48 -16.16 41.46
C LEU A 144 -7.44 -15.01 41.76
N THR A 145 -7.91 -14.94 42.99
CA THR A 145 -8.83 -13.88 43.38
C THR A 145 -8.09 -12.55 43.41
N GLU A 146 -6.98 -12.51 44.12
CA GLU A 146 -6.21 -11.27 44.21
C GLU A 146 -5.61 -10.85 42.87
N ALA A 147 -5.18 -11.81 42.07
CA ALA A 147 -4.54 -11.50 40.79
C ALA A 147 -5.49 -11.22 39.63
N VAL A 148 -6.68 -11.80 39.66
CA VAL A 148 -7.60 -11.62 38.54
C VAL A 148 -9.08 -11.39 38.87
N LEU A 149 -9.66 -12.31 39.64
CA LEU A 149 -11.08 -12.24 39.98
C LEU A 149 -11.52 -10.95 40.70
N SER A 150 -10.63 -10.36 41.48
CA SER A 150 -10.96 -9.13 42.19
C SER A 150 -10.75 -7.89 41.33
N PRO A 151 -9.56 -7.75 40.73
CA PRO A 151 -9.33 -6.56 39.90
C PRO A 151 -10.10 -6.46 38.57
N PHE A 152 -10.38 -7.59 37.94
CA PHE A 152 -11.09 -7.54 36.66
C PHE A 152 -12.47 -6.90 36.69
N PRO A 153 -13.37 -7.35 37.58
CA PRO A 153 -14.70 -6.73 37.61
C PRO A 153 -14.66 -5.22 37.81
N ILE A 154 -13.71 -4.77 38.63
CA ILE A 154 -13.57 -3.34 38.89
C ILE A 154 -13.16 -2.60 37.63
N ALA A 155 -12.19 -3.16 36.91
CA ALA A 155 -11.73 -2.55 35.68
C ALA A 155 -12.88 -2.44 34.68
N VAL A 156 -13.67 -3.51 34.58
CA VAL A 156 -14.78 -3.52 33.65
C VAL A 156 -15.84 -2.46 33.95
N ILE A 157 -16.30 -2.39 35.19
CA ILE A 157 -17.32 -1.42 35.52
C ILE A 157 -16.83 0.02 35.28
N CYS A 158 -15.54 0.27 35.50
CA CYS A 158 -15.00 1.61 35.26
C CYS A 158 -15.19 2.00 33.81
N GLU A 159 -14.97 1.05 32.91
CA GLU A 159 -15.12 1.29 31.48
C GLU A 159 -16.59 1.56 31.16
N LEU A 160 -17.48 0.73 31.70
CA LEU A 160 -18.91 0.89 31.46
C LEU A 160 -19.43 2.19 32.06
N MET A 161 -18.99 2.51 33.28
CA MET A 161 -19.42 3.73 33.96
C MET A 161 -18.87 4.97 33.25
N GLY A 162 -17.80 4.78 32.50
CA GLY A 162 -17.19 5.88 31.79
C GLY A 162 -16.29 6.70 32.68
N VAL A 163 -15.55 6.00 33.55
CA VAL A 163 -14.62 6.65 34.46
C VAL A 163 -13.20 6.28 34.04
N PRO A 164 -12.25 7.21 34.21
CA PRO A 164 -10.87 6.91 33.85
C PRO A 164 -10.31 5.74 34.67
N ALA A 165 -9.59 5.99 35.76
CA ALA A 165 -9.07 4.87 36.57
C ALA A 165 -8.19 5.21 37.77
N THR A 166 -8.58 4.64 38.92
CA THR A 166 -7.89 4.79 40.21
C THR A 166 -8.95 4.71 41.30
N ASP A 167 -10.18 4.49 40.87
CA ASP A 167 -11.36 4.39 41.74
C ASP A 167 -11.36 3.08 42.51
N ARG A 168 -10.45 2.18 42.14
CA ARG A 168 -10.35 0.86 42.77
C ARG A 168 -10.06 0.90 44.26
N HIS A 169 -9.08 1.71 44.67
CA HIS A 169 -8.71 1.81 46.07
C HIS A 169 -9.94 1.97 46.95
N SER A 170 -10.73 3.01 46.67
CA SER A 170 -11.94 3.29 47.44
C SER A 170 -12.88 2.07 47.45
N MET A 171 -12.92 1.36 46.34
CA MET A 171 -13.76 0.18 46.21
C MET A 171 -13.33 -0.89 47.20
N HIS A 172 -12.02 -1.17 47.22
CA HIS A 172 -11.47 -2.19 48.10
C HIS A 172 -11.65 -1.82 49.58
N THR A 173 -11.58 -0.53 49.89
CA THR A 173 -11.75 -0.07 51.26
C THR A 173 -13.18 -0.38 51.66
N TRP A 174 -14.10 -0.16 50.72
CA TRP A 174 -15.51 -0.44 50.95
C TRP A 174 -15.60 -1.95 51.17
N THR A 175 -14.97 -2.40 52.24
CA THR A 175 -14.90 -3.80 52.61
C THR A 175 -14.44 -3.86 54.06
N GLU A 194 -16.60 9.40 50.15
CA GLU A 194 -15.42 9.45 49.30
C GLU A 194 -15.80 9.34 47.82
N MET A 195 -16.22 8.14 47.40
CA MET A 195 -16.60 7.92 46.01
C MET A 195 -17.96 8.55 45.77
N ASN A 196 -18.70 8.72 46.86
CA ASN A 196 -20.02 9.34 46.80
C ASN A 196 -19.82 10.77 46.29
N ALA A 197 -18.77 11.41 46.80
CA ALA A 197 -18.46 12.78 46.41
C ALA A 197 -17.89 12.81 44.99
N TYR A 198 -17.13 11.78 44.65
CA TYR A 198 -16.52 11.70 43.32
C TYR A 198 -17.57 11.67 42.22
N PHE A 199 -18.53 10.74 42.33
CA PHE A 199 -19.57 10.64 41.32
C PHE A 199 -20.46 11.87 41.30
N SER A 200 -20.66 12.48 42.47
CA SER A 200 -21.47 13.68 42.55
C SER A 200 -20.87 14.68 41.57
N ASP A 201 -19.54 14.76 41.54
CA ASP A 201 -18.84 15.65 40.64
C ASP A 201 -19.09 15.26 39.18
N LEU A 202 -18.54 14.13 38.78
CA LEU A 202 -18.70 13.65 37.40
C LEU A 202 -20.14 13.69 36.90
N ILE A 203 -21.06 13.14 37.69
CA ILE A 203 -22.47 13.13 37.30
C ILE A 203 -23.05 14.54 37.22
N GLY A 204 -22.91 15.28 38.31
CA GLY A 204 -23.44 16.63 38.36
C GLY A 204 -22.55 17.70 37.74
N LEU A 205 -21.51 17.27 37.03
CA LEU A 205 -20.57 18.20 36.39
C LEU A 205 -20.20 17.62 35.03
N ARG A 206 -21.23 17.53 34.18
CA ARG A 206 -21.17 16.91 32.82
C ARG A 206 -22.52 16.43 32.45
N SER A 207 -23.46 16.80 33.20
CA SER A 207 -24.78 16.17 33.16
C SER A 207 -25.67 16.72 32.07
N ASP A 208 -25.42 16.30 30.82
CA ASP A 208 -26.22 16.72 29.68
C ASP A 208 -25.55 16.30 28.38
N SER A 209 -24.39 15.65 28.51
CA SER A 209 -23.69 15.16 27.33
C SER A 209 -24.52 14.00 26.82
N ALA A 210 -24.32 13.64 25.55
CA ALA A 210 -25.06 12.53 24.98
C ALA A 210 -24.25 11.25 25.05
N GLY A 211 -23.36 11.18 26.05
CA GLY A 211 -22.53 10.01 26.23
C GLY A 211 -23.33 8.73 26.35
N GLU A 212 -22.68 7.60 26.09
CA GLU A 212 -23.33 6.30 26.15
C GLU A 212 -22.99 5.58 27.47
N ASP A 213 -21.91 6.03 28.12
CA ASP A 213 -21.49 5.43 29.38
C ASP A 213 -22.52 5.73 30.48
N VAL A 214 -22.50 4.92 31.54
CA VAL A 214 -23.45 5.07 32.64
C VAL A 214 -23.47 6.44 33.31
N THR A 215 -22.30 6.98 33.64
CA THR A 215 -22.25 8.28 34.29
C THR A 215 -22.84 9.38 33.41
N SER A 216 -22.68 9.26 32.10
CA SER A 216 -23.21 10.27 31.18
C SER A 216 -24.74 10.14 31.16
N LEU A 217 -25.21 8.90 31.10
CA LEU A 217 -26.65 8.64 31.08
C LEU A 217 -27.28 9.23 32.34
N LEU A 218 -26.64 8.99 33.48
CA LEU A 218 -27.14 9.50 34.76
C LEU A 218 -27.05 11.02 34.76
N GLY A 219 -25.93 11.53 34.26
CA GLY A 219 -25.76 12.97 34.21
C GLY A 219 -26.90 13.59 33.42
N ALA A 220 -27.15 13.04 32.24
CA ALA A 220 -28.22 13.53 31.38
C ALA A 220 -29.58 13.46 32.08
N ALA A 221 -29.87 12.32 32.69
CA ALA A 221 -31.14 12.14 33.39
C ALA A 221 -31.35 13.23 34.44
N VAL A 222 -30.32 13.50 35.23
CA VAL A 222 -30.39 14.52 36.26
C VAL A 222 -30.69 15.87 35.63
N GLY A 223 -30.11 16.11 34.46
CA GLY A 223 -30.32 17.38 33.78
C GLY A 223 -31.75 17.55 33.32
N ARG A 224 -32.37 16.44 32.92
CA ARG A 224 -33.75 16.44 32.44
C ARG A 224 -34.74 16.30 33.61
N ASP A 225 -34.23 16.49 34.83
CA ASP A 225 -35.05 16.40 36.04
C ASP A 225 -35.71 15.03 36.17
N GLU A 226 -35.21 14.05 35.43
CA GLU A 226 -35.75 12.71 35.48
C GLU A 226 -35.41 12.07 36.82
N ILE A 227 -34.25 12.43 37.36
CA ILE A 227 -33.80 11.91 38.64
C ILE A 227 -33.03 12.99 39.39
N THR A 228 -32.84 12.80 40.69
CA THR A 228 -32.12 13.78 41.49
C THR A 228 -30.63 13.46 41.46
N LEU A 229 -29.81 14.47 41.76
CA LEU A 229 -28.37 14.27 41.78
C LEU A 229 -28.01 13.20 42.80
N SER A 230 -28.61 13.30 43.98
CA SER A 230 -28.36 12.33 45.05
C SER A 230 -28.77 10.93 44.62
N GLU A 231 -29.93 10.82 43.99
CA GLU A 231 -30.42 9.53 43.52
C GLU A 231 -29.42 8.92 42.54
N ALA A 232 -28.90 9.74 41.64
CA ALA A 232 -27.94 9.30 40.64
C ALA A 232 -26.64 8.82 41.28
N VAL A 233 -26.16 9.56 42.27
CA VAL A 233 -24.93 9.19 42.96
C VAL A 233 -25.08 7.87 43.69
N GLY A 234 -26.22 7.70 44.37
CA GLY A 234 -26.46 6.46 45.09
C GLY A 234 -26.43 5.24 44.19
N LEU A 235 -27.05 5.37 43.02
CA LEU A 235 -27.08 4.27 42.07
C LEU A 235 -25.69 4.04 41.49
N ALA A 236 -24.99 5.13 41.20
CA ALA A 236 -23.65 5.05 40.65
C ALA A 236 -22.75 4.24 41.58
N VAL A 237 -22.87 4.49 42.88
CA VAL A 237 -22.05 3.79 43.87
C VAL A 237 -22.35 2.29 43.93
N LEU A 238 -23.63 1.92 43.91
CA LEU A 238 -24.01 0.51 43.96
C LEU A 238 -23.45 -0.26 42.75
N LEU A 239 -23.59 0.34 41.58
CA LEU A 239 -23.10 -0.29 40.36
C LEU A 239 -21.57 -0.39 40.35
N GLN A 240 -20.91 0.67 40.76
CA GLN A 240 -19.45 0.71 40.78
C GLN A 240 -18.82 -0.38 41.65
N ILE A 241 -19.49 -0.74 42.74
CA ILE A 241 -18.97 -1.76 43.65
C ILE A 241 -19.71 -3.10 43.55
N GLY A 242 -20.63 -3.21 42.61
CA GLY A 242 -21.38 -4.45 42.47
C GLY A 242 -20.55 -5.59 41.89
N GLY A 243 -19.37 -5.26 41.39
CA GLY A 243 -18.48 -6.25 40.79
C GLY A 243 -17.99 -7.33 41.73
N GLU A 244 -17.95 -7.03 43.03
CA GLU A 244 -17.49 -8.02 44.00
C GLU A 244 -18.41 -9.24 43.92
N ALA A 245 -19.62 -9.03 43.40
CA ALA A 245 -20.56 -10.13 43.28
C ALA A 245 -19.98 -11.10 42.26
N VAL A 246 -19.38 -10.56 41.20
CA VAL A 246 -18.79 -11.39 40.16
C VAL A 246 -17.50 -12.00 40.70
N THR A 247 -16.76 -11.24 41.50
CA THR A 247 -15.53 -11.74 42.09
C THR A 247 -15.87 -12.97 42.94
N ASN A 248 -16.88 -12.85 43.80
CA ASN A 248 -17.28 -13.96 44.65
C ASN A 248 -17.88 -15.12 43.86
N ASN A 249 -18.78 -14.80 42.94
CA ASN A 249 -19.45 -15.84 42.16
C ASN A 249 -18.48 -16.58 41.23
N SER A 250 -17.68 -15.83 40.48
CA SER A 250 -16.72 -16.45 39.57
C SER A 250 -15.73 -17.24 40.40
N GLY A 251 -15.53 -16.80 41.64
CA GLY A 251 -14.61 -17.49 42.53
C GLY A 251 -15.14 -18.88 42.80
N GLN A 252 -16.47 -18.99 42.92
CA GLN A 252 -17.08 -20.28 43.15
C GLN A 252 -17.03 -21.07 41.86
N MET A 253 -17.20 -20.38 40.73
CA MET A 253 -17.15 -21.04 39.43
C MET A 253 -15.84 -21.77 39.24
N PHE A 254 -14.74 -21.07 39.51
CA PHE A 254 -13.44 -21.69 39.32
C PHE A 254 -13.11 -22.72 40.38
N HIS A 255 -13.61 -22.53 41.60
CA HIS A 255 -13.37 -23.53 42.63
C HIS A 255 -13.99 -24.84 42.15
N LEU A 256 -15.15 -24.73 41.50
CA LEU A 256 -15.86 -25.89 40.97
C LEU A 256 -15.13 -26.50 39.77
N LEU A 257 -14.71 -25.64 38.85
CA LEU A 257 -14.04 -26.10 37.64
C LEU A 257 -12.70 -26.77 37.94
N LEU A 258 -12.03 -26.33 38.99
CA LEU A 258 -10.75 -26.91 39.36
C LEU A 258 -10.89 -28.14 40.26
N SER A 259 -11.87 -28.13 41.14
CA SER A 259 -12.09 -29.26 42.05
C SER A 259 -12.77 -30.43 41.34
N ARG A 260 -13.48 -30.12 40.26
CA ARG A 260 -14.17 -31.13 39.44
C ARG A 260 -13.60 -30.96 38.04
N PRO A 261 -12.44 -31.56 37.78
CA PRO A 261 -11.76 -31.49 36.49
C PRO A 261 -12.59 -31.83 35.25
N GLU A 262 -13.57 -32.71 35.39
CA GLU A 262 -14.40 -33.07 34.23
C GLU A 262 -15.09 -31.83 33.68
N LEU A 263 -15.45 -30.91 34.57
CA LEU A 263 -16.12 -29.69 34.14
C LEU A 263 -15.18 -28.81 33.33
N ALA A 264 -13.96 -28.61 33.83
CA ALA A 264 -12.99 -27.79 33.12
C ALA A 264 -12.60 -28.45 31.79
N GLU A 265 -12.42 -29.76 31.80
CA GLU A 265 -12.04 -30.43 30.56
C GLU A 265 -13.14 -30.38 29.49
N ARG A 266 -14.40 -30.29 29.90
CA ARG A 266 -15.45 -30.22 28.90
C ARG A 266 -15.43 -28.82 28.28
N LEU A 267 -15.11 -27.82 29.08
CA LEU A 267 -15.05 -26.45 28.57
C LEU A 267 -13.83 -26.24 27.67
N ARG A 268 -12.78 -27.04 27.87
CA ARG A 268 -11.59 -26.91 27.02
C ARG A 268 -11.84 -27.72 25.74
N SER A 269 -12.61 -28.79 25.88
CA SER A 269 -12.93 -29.68 24.77
C SER A 269 -14.00 -29.10 23.83
N GLU A 270 -14.99 -28.40 24.41
CA GLU A 270 -16.06 -27.82 23.61
C GLU A 270 -16.30 -26.36 23.99
N PRO A 271 -15.37 -25.47 23.59
CA PRO A 271 -15.45 -24.03 23.87
C PRO A 271 -16.79 -23.43 23.48
N GLU A 272 -17.45 -24.05 22.51
CA GLU A 272 -18.73 -23.56 22.03
C GLU A 272 -19.80 -23.61 23.12
N ILE A 273 -19.63 -24.49 24.10
CA ILE A 273 -20.63 -24.61 25.15
C ILE A 273 -20.41 -23.68 26.34
N ARG A 274 -19.32 -22.91 26.30
CA ARG A 274 -19.02 -22.00 27.41
C ARG A 274 -20.16 -21.08 27.83
N PRO A 275 -20.84 -20.43 26.88
CA PRO A 275 -21.94 -19.52 27.31
C PRO A 275 -23.02 -20.27 28.10
N ARG A 276 -23.45 -21.41 27.59
CA ARG A 276 -24.48 -22.20 28.26
C ARG A 276 -23.96 -22.76 29.57
N ALA A 277 -22.71 -23.19 29.58
CA ALA A 277 -22.10 -23.77 30.79
C ALA A 277 -22.10 -22.72 31.90
N ILE A 278 -21.74 -21.50 31.53
CA ILE A 278 -21.70 -20.40 32.48
C ILE A 278 -23.10 -20.16 33.07
N ASP A 279 -24.12 -20.20 32.23
CA ASP A 279 -25.47 -20.00 32.76
C ASP A 279 -25.84 -21.15 33.70
N GLU A 280 -25.37 -22.36 33.40
CA GLU A 280 -25.67 -23.50 34.26
C GLU A 280 -24.92 -23.35 35.59
N LEU A 281 -23.68 -22.87 35.53
CA LEU A 281 -22.92 -22.66 36.77
C LEU A 281 -23.62 -21.57 37.59
N LEU A 282 -24.09 -20.52 36.93
CA LEU A 282 -24.80 -19.43 37.62
C LEU A 282 -26.06 -19.96 38.30
N ARG A 283 -26.75 -20.90 37.64
CA ARG A 283 -27.96 -21.46 38.24
C ARG A 283 -27.67 -22.22 39.52
N TRP A 284 -26.64 -23.07 39.46
CA TRP A 284 -26.25 -23.95 40.55
C TRP A 284 -25.56 -23.30 41.75
N ILE A 285 -24.56 -22.47 41.47
CA ILE A 285 -23.81 -21.82 42.53
C ILE A 285 -24.68 -21.11 43.57
N PRO A 286 -24.52 -21.45 44.86
CA PRO A 286 -25.32 -20.79 45.92
C PRO A 286 -24.65 -19.46 46.20
N HIS A 287 -25.09 -18.43 45.49
CA HIS A 287 -24.51 -17.10 45.58
C HIS A 287 -24.49 -16.42 46.94
N ARG A 288 -25.55 -16.61 47.73
CA ARG A 288 -25.63 -15.94 49.03
C ARG A 288 -26.02 -16.85 50.18
N ASN A 289 -25.91 -16.32 51.40
CA ASN A 289 -26.32 -17.05 52.59
C ASN A 289 -27.76 -16.66 52.84
N ALA A 290 -28.58 -17.63 53.25
CA ALA A 290 -30.00 -17.40 53.52
C ALA A 290 -30.68 -16.57 52.43
N VAL A 291 -31.48 -15.60 52.83
CA VAL A 291 -32.21 -14.73 51.90
C VAL A 291 -31.86 -13.26 52.12
N GLY A 292 -32.07 -12.44 51.10
CA GLY A 292 -31.70 -11.03 51.19
C GLY A 292 -32.69 -9.97 51.67
N LEU A 293 -33.39 -9.34 50.73
CA LEU A 293 -34.34 -8.28 51.08
C LEU A 293 -35.77 -8.73 50.76
N SER A 294 -36.64 -8.69 51.76
CA SER A 294 -38.02 -9.10 51.58
C SER A 294 -38.89 -8.06 50.89
N ARG A 295 -40.15 -8.40 50.70
CA ARG A 295 -41.13 -7.52 50.10
C ARG A 295 -42.33 -7.58 51.03
N ILE A 296 -43.11 -6.50 51.08
CA ILE A 296 -44.27 -6.44 51.94
C ILE A 296 -45.56 -6.58 51.12
N ALA A 297 -46.46 -7.45 51.58
CA ALA A 297 -47.74 -7.62 50.89
C ALA A 297 -48.51 -6.34 51.13
N LEU A 298 -48.84 -5.62 50.06
CA LEU A 298 -49.56 -4.35 50.17
C LEU A 298 -51.07 -4.56 50.33
N GLU A 299 -51.50 -5.78 50.10
CA GLU A 299 -52.90 -6.17 50.25
C GLU A 299 -52.84 -7.68 50.42
N ASP A 300 -53.96 -8.30 50.81
CA ASP A 300 -53.98 -9.74 50.99
C ASP A 300 -53.71 -10.47 49.69
N VAL A 301 -52.89 -11.52 49.77
CA VAL A 301 -52.55 -12.31 48.60
C VAL A 301 -52.58 -13.80 48.92
N GLU A 302 -53.15 -14.58 48.01
CA GLU A 302 -53.24 -16.02 48.18
C GLU A 302 -52.10 -16.71 47.44
N ILE A 303 -51.36 -17.57 48.15
CA ILE A 303 -50.28 -18.32 47.53
C ILE A 303 -50.36 -19.77 47.99
N LYS A 304 -50.68 -20.67 47.06
CA LYS A 304 -50.80 -22.09 47.35
C LYS A 304 -51.69 -22.40 48.56
N GLY A 305 -52.85 -21.75 48.61
CA GLY A 305 -53.77 -21.98 49.71
C GLY A 305 -53.46 -21.26 51.00
N VAL A 306 -52.39 -20.48 51.01
CA VAL A 306 -52.01 -19.74 52.20
C VAL A 306 -52.38 -18.27 52.05
N ARG A 307 -52.97 -17.70 53.09
CA ARG A 307 -53.37 -16.30 53.05
C ARG A 307 -52.28 -15.40 53.63
N ILE A 308 -51.66 -14.60 52.78
CA ILE A 308 -50.64 -13.66 53.21
C ILE A 308 -51.34 -12.35 53.50
N ARG A 309 -51.32 -11.92 54.76
CA ARG A 309 -51.99 -10.70 55.17
C ARG A 309 -51.23 -9.43 54.80
N ALA A 310 -51.97 -8.39 54.43
CA ALA A 310 -51.34 -7.11 54.09
C ALA A 310 -50.48 -6.74 55.29
N GLY A 311 -49.23 -6.34 55.03
CA GLY A 311 -48.34 -5.98 56.11
C GLY A 311 -47.30 -7.04 56.39
N ASP A 312 -47.61 -8.29 56.06
CA ASP A 312 -46.64 -9.37 56.28
C ASP A 312 -45.49 -9.26 55.31
N ALA A 313 -44.31 -9.68 55.77
CA ALA A 313 -43.12 -9.68 54.93
C ALA A 313 -43.03 -11.04 54.24
N VAL A 314 -42.55 -11.04 52.99
CA VAL A 314 -42.41 -12.28 52.24
C VAL A 314 -41.04 -12.30 51.58
N TYR A 315 -40.26 -13.34 51.88
CA TYR A 315 -38.94 -13.53 51.30
C TYR A 315 -39.03 -14.58 50.19
N VAL A 316 -38.13 -14.48 49.22
CA VAL A 316 -38.07 -15.48 48.17
C VAL A 316 -36.64 -16.00 48.21
N SER A 317 -36.47 -17.28 47.90
CA SER A 317 -35.14 -17.85 47.86
C SER A 317 -34.85 -18.20 46.41
N TYR A 318 -34.04 -17.38 45.75
CA TYR A 318 -33.67 -17.63 44.37
C TYR A 318 -32.85 -18.91 44.29
N LEU A 319 -32.02 -19.15 45.31
CA LEU A 319 -31.21 -20.36 45.34
C LEU A 319 -32.09 -21.60 45.36
N ALA A 320 -33.14 -21.58 46.17
CA ALA A 320 -34.05 -22.72 46.24
C ALA A 320 -34.79 -22.85 44.92
N ALA A 321 -35.22 -21.72 44.38
CA ALA A 321 -35.94 -21.70 43.11
C ALA A 321 -35.10 -22.32 42.00
N ASN A 322 -33.79 -22.12 42.08
CA ASN A 322 -32.89 -22.66 41.07
C ASN A 322 -32.68 -24.18 41.18
N ARG A 323 -33.22 -24.79 42.24
CA ARG A 323 -33.11 -26.24 42.42
C ARG A 323 -34.52 -26.83 42.37
N ASP A 324 -35.46 -26.09 41.80
CA ASP A 324 -36.85 -26.57 41.68
C ASP A 324 -36.80 -27.82 40.80
N PRO A 325 -37.16 -28.99 41.36
CA PRO A 325 -37.13 -30.25 40.61
C PRO A 325 -38.02 -30.35 39.37
N GLU A 326 -39.06 -29.53 39.31
CA GLU A 326 -39.96 -29.56 38.16
C GLU A 326 -39.39 -28.74 37.00
N VAL A 327 -38.89 -27.56 37.32
CA VAL A 327 -38.30 -26.66 36.33
C VAL A 327 -36.92 -27.14 35.90
N PHE A 328 -36.16 -27.70 36.84
CA PHE A 328 -34.82 -28.18 36.54
C PHE A 328 -34.66 -29.64 36.98
N PRO A 329 -35.09 -30.58 36.14
CA PRO A 329 -34.98 -32.01 36.49
C PRO A 329 -33.55 -32.35 36.94
N ASP A 330 -33.42 -33.16 37.98
CA ASP A 330 -32.12 -33.52 38.52
C ASP A 330 -31.42 -32.18 38.78
N PRO A 331 -32.05 -31.34 39.62
CA PRO A 331 -31.58 -30.01 39.99
C PRO A 331 -30.18 -29.86 40.60
N ASP A 332 -29.72 -30.88 41.31
CA ASP A 332 -28.40 -30.80 41.95
C ASP A 332 -27.25 -31.18 41.02
N ARG A 333 -27.58 -31.61 39.82
CA ARG A 333 -26.56 -31.98 38.86
C ARG A 333 -26.21 -30.77 38.01
N ILE A 334 -24.91 -30.58 37.77
CA ILE A 334 -24.44 -29.50 36.92
C ILE A 334 -24.39 -30.09 35.51
N ASP A 335 -25.32 -29.65 34.66
CA ASP A 335 -25.42 -30.13 33.29
C ASP A 335 -25.27 -28.96 32.31
N PHE A 336 -24.09 -28.82 31.70
CA PHE A 336 -23.86 -27.73 30.77
C PHE A 336 -24.78 -27.74 29.54
N GLU A 337 -25.39 -28.90 29.28
CA GLU A 337 -26.30 -29.02 28.13
C GLU A 337 -27.75 -28.81 28.55
N ARG A 338 -27.99 -28.48 29.81
CA ARG A 338 -29.34 -28.29 30.32
C ARG A 338 -30.19 -27.44 29.37
N SER A 339 -31.24 -28.06 28.83
CA SER A 339 -32.15 -27.37 27.92
C SER A 339 -33.52 -27.40 28.54
N PRO A 340 -34.05 -26.23 28.92
CA PRO A 340 -34.65 -24.98 29.35
C PRO A 340 -33.89 -24.65 30.61
N ASN A 341 -33.29 -23.48 30.66
CA ASN A 341 -32.53 -23.10 31.85
C ASN A 341 -32.91 -21.69 32.30
N PRO A 342 -34.19 -21.50 32.67
CA PRO A 342 -34.75 -20.23 33.14
C PRO A 342 -34.39 -19.94 34.59
N HIS A 343 -33.10 -19.94 34.91
CA HIS A 343 -32.68 -19.70 36.28
C HIS A 343 -32.96 -18.27 36.70
N VAL A 344 -33.02 -18.04 38.02
CA VAL A 344 -33.27 -16.73 38.58
C VAL A 344 -32.13 -16.27 39.48
N SER A 345 -30.90 -16.59 39.10
CA SER A 345 -29.76 -16.17 39.91
C SER A 345 -29.60 -14.65 39.92
N PHE A 346 -30.11 -13.99 38.88
CA PHE A 346 -30.06 -12.52 38.81
C PHE A 346 -31.40 -11.93 39.22
N GLY A 347 -32.18 -12.70 39.97
CA GLY A 347 -33.48 -12.22 40.43
C GLY A 347 -34.57 -12.28 39.39
N PHE A 348 -35.69 -11.63 39.69
CA PHE A 348 -36.83 -11.61 38.79
C PHE A 348 -37.68 -10.39 39.13
N GLY A 349 -38.53 -9.97 38.20
CA GLY A 349 -39.38 -8.80 38.45
C GLY A 349 -38.63 -7.50 38.25
N PRO A 350 -39.24 -6.36 38.62
CA PRO A 350 -38.61 -5.04 38.47
C PRO A 350 -37.24 -4.86 39.12
N HIS A 351 -37.02 -5.53 40.24
CA HIS A 351 -35.73 -5.41 40.95
C HIS A 351 -34.66 -6.39 40.47
N TYR A 352 -34.92 -7.05 39.35
CA TYR A 352 -33.94 -8.01 38.82
C TYR A 352 -32.60 -7.30 38.64
N CYS A 353 -31.52 -8.03 38.82
CA CYS A 353 -30.18 -7.49 38.71
C CYS A 353 -29.83 -6.79 37.39
N PRO A 354 -29.45 -5.50 37.47
CA PRO A 354 -29.08 -4.74 36.28
C PRO A 354 -27.77 -5.28 35.70
N GLY A 355 -26.93 -5.82 36.57
CA GLY A 355 -25.64 -6.34 36.14
C GLY A 355 -25.59 -7.77 35.63
N GLY A 356 -26.75 -8.40 35.47
CA GLY A 356 -26.78 -9.78 34.99
C GLY A 356 -26.10 -10.01 33.66
N MET A 357 -26.39 -9.16 32.67
CA MET A 357 -25.78 -9.32 31.37
C MET A 357 -24.27 -9.04 31.44
N LEU A 358 -23.88 -8.05 32.23
CA LEU A 358 -22.47 -7.71 32.39
C LEU A 358 -21.74 -8.85 33.12
N ALA A 359 -22.43 -9.48 34.08
CA ALA A 359 -21.83 -10.57 34.84
C ALA A 359 -21.56 -11.76 33.91
N ARG A 360 -22.47 -12.01 32.98
CA ARG A 360 -22.28 -13.11 32.05
C ARG A 360 -21.10 -12.81 31.12
N LEU A 361 -20.97 -11.55 30.71
CA LEU A 361 -19.88 -11.15 29.83
C LEU A 361 -18.54 -11.31 30.54
N GLU A 362 -18.46 -10.83 31.78
CA GLU A 362 -17.22 -10.95 32.53
C GLU A 362 -16.89 -12.43 32.74
N SER A 363 -17.89 -13.21 33.12
CA SER A 363 -17.67 -14.64 33.34
C SER A 363 -17.16 -15.29 32.06
N GLU A 364 -17.74 -14.92 30.93
CA GLU A 364 -17.33 -15.49 29.64
C GLU A 364 -15.85 -15.20 29.34
N LEU A 365 -15.44 -13.95 29.54
CA LEU A 365 -14.05 -13.58 29.27
C LEU A 365 -13.10 -14.26 30.25
N LEU A 366 -13.52 -14.36 31.51
CA LEU A 366 -12.71 -14.99 32.54
C LEU A 366 -12.50 -16.47 32.27
N VAL A 367 -13.56 -17.18 31.91
CA VAL A 367 -13.43 -18.61 31.61
C VAL A 367 -12.47 -18.80 30.44
N ASP A 368 -12.61 -17.97 29.40
CA ASP A 368 -11.72 -18.06 28.25
C ASP A 368 -10.26 -17.90 28.65
N ALA A 369 -9.96 -16.81 29.34
CA ALA A 369 -8.59 -16.52 29.76
C ALA A 369 -8.00 -17.52 30.72
N VAL A 370 -8.73 -17.82 31.80
CA VAL A 370 -8.26 -18.75 32.82
C VAL A 370 -8.06 -20.18 32.30
N LEU A 371 -8.98 -20.65 31.46
CA LEU A 371 -8.88 -22.01 30.95
C LEU A 371 -8.02 -22.17 29.70
N ASP A 372 -7.76 -21.08 28.98
CA ASP A 372 -6.95 -21.18 27.77
C ASP A 372 -5.54 -20.65 27.91
N ARG A 373 -5.29 -19.84 28.92
CA ARG A 373 -3.96 -19.24 29.07
C ARG A 373 -3.09 -19.66 30.25
N VAL A 374 -3.55 -20.59 31.07
CA VAL A 374 -2.75 -21.01 32.22
C VAL A 374 -2.47 -22.52 32.12
N PRO A 375 -1.33 -22.88 31.53
CA PRO A 375 -0.91 -24.29 31.34
C PRO A 375 -0.83 -25.13 32.61
N GLY A 376 -1.64 -26.19 32.65
CA GLY A 376 -1.63 -27.08 33.80
C GLY A 376 -2.29 -26.55 35.06
N LEU A 377 -3.11 -25.52 34.90
CA LEU A 377 -3.83 -24.87 35.99
C LEU A 377 -4.57 -25.86 36.90
N LYS A 378 -4.43 -25.68 38.21
CA LYS A 378 -5.09 -26.53 39.20
C LYS A 378 -4.98 -25.84 40.55
N LEU A 379 -5.72 -26.33 41.54
CA LEU A 379 -5.67 -25.74 42.87
C LEU A 379 -4.31 -26.04 43.52
N ALA A 380 -3.82 -25.11 44.32
CA ALA A 380 -2.54 -25.29 45.01
C ALA A 380 -2.78 -25.91 46.39
N VAL A 381 -4.04 -26.17 46.71
CA VAL A 381 -4.42 -26.77 47.99
C VAL A 381 -5.58 -27.74 47.73
N ALA A 382 -5.92 -28.55 48.73
CA ALA A 382 -7.03 -29.48 48.61
C ALA A 382 -8.28 -28.60 48.47
N PRO A 383 -9.31 -29.08 47.74
CA PRO A 383 -10.53 -28.30 47.57
C PRO A 383 -11.13 -27.79 48.88
N GLU A 384 -11.14 -28.65 49.89
CA GLU A 384 -11.70 -28.31 51.19
C GLU A 384 -10.84 -27.33 51.98
N ASP A 385 -9.63 -27.06 51.49
CA ASP A 385 -8.73 -26.15 52.17
C ASP A 385 -8.76 -24.73 51.60
N VAL A 386 -9.63 -24.49 50.62
CA VAL A 386 -9.78 -23.15 50.05
C VAL A 386 -10.65 -22.39 51.05
N PRO A 387 -10.17 -21.23 51.53
CA PRO A 387 -10.93 -20.43 52.49
C PRO A 387 -12.11 -19.69 51.88
N PHE A 388 -13.29 -19.84 52.48
CA PHE A 388 -14.48 -19.14 52.02
C PHE A 388 -14.90 -18.10 53.05
N LYS A 389 -15.55 -17.04 52.59
CA LYS A 389 -15.99 -15.96 53.47
C LYS A 389 -16.88 -16.42 54.61
N LYS A 390 -16.60 -15.90 55.80
CA LYS A 390 -17.35 -16.23 57.01
C LYS A 390 -18.19 -15.04 57.44
N GLY A 391 -19.34 -15.32 58.07
CA GLY A 391 -20.23 -14.27 58.51
C GLY A 391 -20.58 -13.33 57.37
N ALA A 392 -20.75 -13.89 56.19
CA ALA A 392 -21.04 -13.09 55.01
C ALA A 392 -22.48 -13.12 54.54
N LEU A 393 -22.79 -12.22 53.62
CA LEU A 393 -24.12 -12.15 53.04
C LEU A 393 -24.01 -12.85 51.69
N ILE A 394 -22.93 -12.55 50.96
CA ILE A 394 -22.67 -13.16 49.66
C ILE A 394 -21.55 -14.18 49.86
N ARG A 395 -21.77 -15.41 49.42
CA ARG A 395 -20.78 -16.46 49.59
C ARG A 395 -19.67 -16.42 48.57
N GLY A 396 -18.55 -17.04 48.89
CA GLY A 396 -17.44 -17.07 47.96
C GLY A 396 -16.09 -17.26 48.62
N PRO A 397 -15.06 -17.54 47.83
CA PRO A 397 -13.75 -17.71 48.46
C PRO A 397 -13.11 -16.40 48.92
N GLU A 398 -12.30 -16.47 49.97
CA GLU A 398 -11.58 -15.30 50.45
C GLU A 398 -10.33 -15.22 49.58
N ALA A 399 -9.91 -16.38 49.09
CA ALA A 399 -8.74 -16.50 48.24
C ALA A 399 -8.87 -17.81 47.48
N LEU A 400 -8.25 -17.89 46.31
CA LEU A 400 -8.31 -19.11 45.51
C LEU A 400 -6.90 -19.44 45.04
N PRO A 401 -6.10 -20.12 45.88
CA PRO A 401 -4.73 -20.48 45.51
C PRO A 401 -4.63 -21.49 44.39
N VAL A 402 -3.94 -21.11 43.33
CA VAL A 402 -3.75 -21.98 42.19
C VAL A 402 -2.30 -22.06 41.77
N THR A 403 -1.98 -23.10 41.02
CA THR A 403 -0.63 -23.27 40.53
C THR A 403 -0.70 -23.81 39.10
N TRP A 404 0.44 -23.78 38.41
CA TRP A 404 0.50 -24.23 37.03
C TRP A 404 1.97 -24.37 36.60
N HIS A 405 2.19 -24.76 35.35
CA HIS A 405 3.54 -24.92 34.79
C HIS A 405 4.14 -23.58 34.35
N HIS A 406 5.28 -23.20 34.92
CA HIS A 406 5.91 -21.96 34.50
C HIS A 406 6.74 -22.21 33.25
N THR B 5 62.34 -0.97 -58.34
CA THR B 5 60.87 -0.96 -58.58
C THR B 5 60.56 -0.06 -59.77
N ILE B 6 59.61 -0.47 -60.60
CA ILE B 6 59.25 0.34 -61.75
C ILE B 6 58.01 1.13 -61.38
N SER B 7 57.76 2.20 -62.14
CA SER B 7 56.64 3.08 -61.92
C SER B 7 55.27 2.42 -61.89
N GLN B 8 54.40 2.91 -61.02
CA GLN B 8 53.03 2.41 -60.94
C GLN B 8 52.23 3.61 -61.40
N ALA B 9 51.70 3.56 -62.63
CA ALA B 9 50.95 4.68 -63.17
C ALA B 9 49.78 5.07 -62.27
N VAL B 10 49.57 6.37 -62.10
CA VAL B 10 48.47 6.85 -61.27
C VAL B 10 47.17 6.50 -61.98
N PRO B 11 46.09 6.33 -61.21
CA PRO B 11 44.77 5.99 -61.76
C PRO B 11 44.21 7.14 -62.59
N PRO B 12 43.41 6.83 -63.63
CA PRO B 12 42.86 7.93 -64.41
C PRO B 12 41.79 8.64 -63.60
N VAL B 13 41.56 9.93 -63.89
CA VAL B 13 40.55 10.68 -63.17
C VAL B 13 39.19 10.26 -63.70
N ARG B 14 38.34 9.76 -62.81
CA ARG B 14 37.01 9.30 -63.17
C ARG B 14 35.98 10.37 -62.80
N ASP B 15 35.20 10.84 -63.76
CA ASP B 15 34.18 11.84 -63.49
C ASP B 15 33.01 11.18 -62.78
N TRP B 16 32.50 11.85 -61.75
CA TRP B 16 31.38 11.32 -60.98
C TRP B 16 30.24 12.34 -60.89
N PRO B 17 29.49 12.51 -61.98
CA PRO B 17 28.37 13.47 -62.00
C PRO B 17 27.28 13.14 -60.98
N ALA B 18 26.47 14.14 -60.66
CA ALA B 18 25.37 13.94 -59.71
C ALA B 18 24.22 13.21 -60.39
N VAL B 19 23.78 12.12 -59.78
CA VAL B 19 22.67 11.34 -60.33
C VAL B 19 21.71 10.96 -59.22
N ASP B 20 20.41 11.11 -59.47
CA ASP B 20 19.44 10.74 -58.45
C ASP B 20 19.18 9.25 -58.56
N LEU B 21 19.58 8.50 -57.54
CA LEU B 21 19.41 7.06 -57.54
C LEU B 21 18.05 6.66 -56.96
N PRO B 22 17.46 5.57 -57.48
CA PRO B 22 16.16 5.05 -57.04
C PRO B 22 16.27 4.39 -55.67
N GLY B 23 15.31 4.68 -54.79
CA GLY B 23 15.28 4.10 -53.46
C GLY B 23 16.65 3.92 -52.80
N SER B 24 16.99 2.67 -52.50
CA SER B 24 18.26 2.35 -51.86
C SER B 24 19.26 1.68 -52.80
N ASP B 25 19.01 1.73 -54.11
CA ASP B 25 19.91 1.11 -55.09
C ASP B 25 21.31 1.70 -54.99
N PHE B 26 22.32 0.83 -55.13
CA PHE B 26 23.71 1.26 -55.05
C PHE B 26 24.15 2.06 -56.27
N ASP B 27 25.05 3.01 -56.05
CA ASP B 27 25.58 3.86 -57.11
C ASP B 27 26.49 3.04 -58.03
N PRO B 28 26.07 2.84 -59.30
CA PRO B 28 26.86 2.06 -60.25
C PRO B 28 28.25 2.63 -60.54
N VAL B 29 28.41 3.94 -60.35
CA VAL B 29 29.70 4.56 -60.58
C VAL B 29 30.63 4.21 -59.43
N LEU B 30 30.09 4.14 -58.22
CA LEU B 30 30.89 3.79 -57.05
C LEU B 30 31.30 2.32 -57.20
N THR B 31 30.40 1.52 -57.76
CA THR B 31 30.69 0.10 -57.99
C THR B 31 31.88 0.00 -58.95
N GLU B 32 31.85 0.80 -60.02
CA GLU B 32 32.92 0.80 -61.00
C GLU B 32 34.25 1.15 -60.32
N LEU B 33 34.22 2.19 -59.48
CA LEU B 33 35.42 2.62 -58.77
C LEU B 33 35.89 1.54 -57.82
N MET B 34 34.97 0.88 -57.14
CA MET B 34 35.33 -0.19 -56.22
C MET B 34 36.05 -1.32 -56.94
N ARG B 35 35.70 -1.53 -58.19
CA ARG B 35 36.29 -2.61 -58.99
C ARG B 35 37.59 -2.26 -59.69
N GLU B 36 37.92 -0.98 -59.75
CA GLU B 36 39.14 -0.54 -60.44
C GLU B 36 40.43 -0.67 -59.65
N GLY B 37 40.33 -0.83 -58.34
CA GLY B 37 41.53 -0.93 -57.52
C GLY B 37 41.31 -0.19 -56.23
N PRO B 38 42.14 -0.43 -55.19
CA PRO B 38 41.98 0.24 -53.91
C PRO B 38 42.08 1.77 -53.94
N VAL B 39 42.95 2.31 -54.79
CA VAL B 39 43.11 3.75 -54.88
C VAL B 39 42.76 4.30 -56.26
N THR B 40 41.78 5.19 -56.29
CA THR B 40 41.33 5.79 -57.54
C THR B 40 41.37 7.31 -57.44
N ARG B 41 41.01 7.97 -58.52
CA ARG B 41 40.97 9.43 -58.54
C ARG B 41 39.62 9.83 -59.12
N ILE B 42 38.98 10.81 -58.49
CA ILE B 42 37.68 11.25 -58.96
C ILE B 42 37.57 12.74 -59.13
N SER B 43 36.57 13.15 -59.90
CA SER B 43 36.28 14.55 -60.13
C SER B 43 34.77 14.65 -59.99
N LEU B 44 34.31 15.43 -59.03
CA LEU B 44 32.89 15.59 -58.79
C LEU B 44 32.33 16.79 -59.56
N PRO B 45 30.99 16.94 -59.60
CA PRO B 45 30.35 18.04 -60.33
C PRO B 45 30.74 19.46 -59.93
N ASN B 46 31.14 19.68 -58.69
CA ASN B 46 31.51 21.01 -58.22
C ASN B 46 32.93 21.06 -57.69
N GLY B 47 33.41 22.26 -57.40
CA GLY B 47 34.77 22.40 -56.93
C GLY B 47 35.69 22.28 -58.12
N GLU B 48 37.00 22.28 -57.87
CA GLU B 48 37.97 22.18 -58.96
C GLU B 48 38.94 21.01 -58.85
N GLY B 49 39.36 20.50 -60.01
CA GLY B 49 40.32 19.42 -60.05
C GLY B 49 39.84 18.04 -59.64
N TRP B 50 40.77 17.25 -59.12
CA TRP B 50 40.48 15.89 -58.70
C TRP B 50 40.86 15.65 -57.24
N ALA B 51 40.61 14.43 -56.78
CA ALA B 51 40.93 14.03 -55.42
C ALA B 51 41.07 12.52 -55.43
N TRP B 52 41.84 11.99 -54.49
CA TRP B 52 42.03 10.55 -54.39
C TRP B 52 40.81 9.95 -53.70
N LEU B 53 40.57 8.67 -53.94
CA LEU B 53 39.46 7.97 -53.29
C LEU B 53 39.92 6.58 -52.84
N VAL B 54 39.57 6.20 -51.61
CA VAL B 54 39.88 4.88 -51.09
C VAL B 54 38.54 4.21 -50.78
N THR B 55 38.42 2.94 -51.13
CA THR B 55 37.18 2.21 -50.95
C THR B 55 37.25 0.98 -50.05
N ARG B 56 38.44 0.40 -49.92
CA ARG B 56 38.58 -0.78 -49.08
C ARG B 56 38.51 -0.42 -47.60
N HIS B 57 37.91 -1.31 -46.82
CA HIS B 57 37.74 -1.12 -45.39
C HIS B 57 39.03 -0.76 -44.64
N ASP B 58 40.13 -1.45 -44.94
CA ASP B 58 41.38 -1.12 -44.25
C ASP B 58 41.92 0.26 -44.61
N ASP B 59 41.85 0.64 -45.88
CA ASP B 59 42.35 1.95 -46.30
C ASP B 59 41.45 3.07 -45.78
N VAL B 60 40.15 2.79 -45.68
CA VAL B 60 39.21 3.77 -45.17
C VAL B 60 39.53 4.04 -43.70
N ARG B 61 39.82 2.98 -42.95
CA ARG B 61 40.16 3.15 -41.53
C ARG B 61 41.48 3.90 -41.36
N LEU B 62 42.44 3.63 -42.23
CA LEU B 62 43.74 4.29 -42.15
C LEU B 62 43.67 5.78 -42.38
N VAL B 63 43.02 6.17 -43.48
CA VAL B 63 42.90 7.59 -43.82
C VAL B 63 42.14 8.42 -42.78
N THR B 64 41.02 7.91 -42.29
CA THR B 64 40.24 8.66 -41.32
C THR B 64 40.82 8.70 -39.90
N ASN B 65 41.72 7.77 -39.59
CA ASN B 65 42.29 7.71 -38.25
C ASN B 65 43.76 8.11 -38.16
N ASP B 66 44.39 8.39 -39.30
CA ASP B 66 45.80 8.76 -39.30
C ASP B 66 46.03 10.26 -39.13
N PRO B 67 46.89 10.66 -38.15
CA PRO B 67 47.22 12.05 -37.85
C PRO B 67 47.52 12.86 -39.12
N ARG B 68 48.06 12.20 -40.13
CA ARG B 68 48.32 12.87 -41.39
C ARG B 68 46.92 12.99 -41.97
N PHE B 69 46.72 13.89 -42.92
CA PHE B 69 45.40 14.11 -43.50
C PHE B 69 44.61 14.96 -42.51
N GLY B 70 44.40 16.22 -42.87
CA GLY B 70 43.66 17.11 -41.99
C GLY B 70 42.38 17.62 -42.61
N ARG B 71 41.52 18.19 -41.78
CA ARG B 71 40.25 18.72 -42.25
C ARG B 71 40.29 20.22 -42.49
N GLU B 72 40.97 20.95 -41.61
CA GLU B 72 41.05 22.40 -41.74
C GLU B 72 41.58 22.87 -43.09
N ALA B 73 42.60 22.19 -43.60
CA ALA B 73 43.20 22.57 -44.88
C ALA B 73 42.24 22.48 -46.06
N VAL B 74 41.16 21.73 -45.90
CA VAL B 74 40.17 21.57 -46.96
C VAL B 74 39.52 22.92 -47.29
N MET B 75 39.45 23.77 -46.28
CA MET B 75 38.86 25.11 -46.39
C MET B 75 39.49 25.96 -47.50
N ASP B 76 40.80 25.98 -47.54
CA ASP B 76 41.53 26.80 -48.52
C ASP B 76 42.06 26.07 -49.75
N ARG B 77 41.28 26.07 -50.84
N ARG B 77 41.29 26.07 -50.82
CA ARG B 77 41.69 25.39 -52.08
CA ARG B 77 41.67 25.48 -52.11
C ARG B 77 40.55 25.30 -53.10
C ARG B 77 40.53 25.35 -53.12
N GLN B 78 39.39 24.79 -52.66
CA GLN B 78 38.21 24.57 -53.51
C GLN B 78 38.24 23.15 -54.07
N VAL B 79 38.47 22.20 -53.17
CA VAL B 79 38.53 20.78 -53.51
C VAL B 79 37.30 20.33 -54.30
N THR B 80 37.50 19.46 -55.28
CA THR B 80 36.37 18.97 -56.06
C THR B 80 35.39 18.31 -55.09
N ARG B 81 34.11 18.57 -55.27
CA ARG B 81 33.10 17.99 -54.38
C ARG B 81 31.69 17.92 -54.99
N LEU B 82 30.79 17.27 -54.27
CA LEU B 82 29.41 17.10 -54.74
C LEU B 82 28.54 18.33 -54.53
N ALA B 83 28.56 18.87 -53.31
CA ALA B 83 27.76 20.04 -52.98
C ALA B 83 28.41 21.36 -53.38
N PRO B 84 27.68 22.19 -54.14
CA PRO B 84 28.20 23.50 -54.58
C PRO B 84 28.23 24.52 -53.43
N HIS B 85 29.08 25.53 -53.57
CA HIS B 85 29.22 26.57 -52.55
C HIS B 85 29.87 26.08 -51.26
N PHE B 86 30.52 26.98 -50.54
CA PHE B 86 31.18 26.66 -49.29
C PHE B 86 30.21 26.14 -48.25
N ILE B 87 30.45 24.92 -47.77
CA ILE B 87 29.60 24.30 -46.76
C ILE B 87 29.53 25.20 -45.52
N PRO B 88 30.39 24.92 -44.55
CA PRO B 88 30.42 25.71 -43.32
C PRO B 88 31.66 26.58 -43.29
N ALA B 89 32.42 26.51 -42.19
CA ALA B 89 33.64 27.29 -42.05
C ALA B 89 34.32 26.99 -40.72
N ARG B 90 35.22 27.88 -40.31
CA ARG B 90 35.95 27.71 -39.06
C ARG B 90 34.98 27.57 -37.90
N GLY B 91 35.27 26.63 -37.00
CA GLY B 91 34.40 26.41 -35.87
C GLY B 91 33.62 25.13 -36.00
N ALA B 92 33.06 24.89 -37.19
CA ALA B 92 32.29 23.68 -37.44
C ALA B 92 33.19 22.51 -37.11
N VAL B 93 32.81 21.72 -36.12
CA VAL B 93 33.60 20.57 -35.68
C VAL B 93 34.11 19.71 -36.83
N GLY B 94 33.35 19.64 -37.91
CA GLY B 94 33.77 18.83 -39.04
C GLY B 94 35.01 19.34 -39.75
N PHE B 95 35.26 20.65 -39.66
CA PHE B 95 36.42 21.25 -40.32
C PHE B 95 37.55 21.55 -39.35
N LEU B 96 37.46 21.03 -38.14
CA LEU B 96 38.50 21.27 -37.13
C LEU B 96 39.49 20.11 -37.04
N ASP B 97 40.70 20.43 -36.59
CA ASP B 97 41.75 19.43 -36.42
C ASP B 97 42.04 19.22 -34.94
N PRO B 98 42.61 18.05 -34.58
CA PRO B 98 42.96 17.62 -33.23
C PRO B 98 43.07 18.67 -32.14
N PRO B 99 43.80 19.78 -32.38
CA PRO B 99 43.85 20.73 -31.27
C PRO B 99 42.45 21.12 -30.82
N ASP B 100 41.84 22.06 -31.53
CA ASP B 100 40.50 22.53 -31.21
C ASP B 100 39.46 21.41 -31.28
N HIS B 101 39.56 20.55 -32.28
CA HIS B 101 38.59 19.46 -32.44
C HIS B 101 38.48 18.56 -31.22
N THR B 102 39.63 18.18 -30.67
CA THR B 102 39.63 17.30 -29.50
C THR B 102 38.95 17.94 -28.29
N ARG B 103 39.19 19.24 -28.08
CA ARG B 103 38.58 19.95 -26.96
C ARG B 103 37.06 19.95 -27.09
N LEU B 104 36.57 20.22 -28.29
CA LEU B 104 35.15 20.27 -28.54
C LEU B 104 34.44 18.91 -28.35
N ARG B 105 34.96 17.86 -28.97
CA ARG B 105 34.31 16.54 -28.82
C ARG B 105 34.34 16.03 -27.38
N ARG B 106 35.44 16.30 -26.68
CA ARG B 106 35.59 15.87 -25.30
C ARG B 106 34.55 16.51 -24.37
N SER B 107 34.18 17.75 -24.66
CA SER B 107 33.21 18.46 -23.83
C SER B 107 31.84 17.78 -23.73
N VAL B 108 31.44 17.07 -24.78
CA VAL B 108 30.14 16.41 -24.78
C VAL B 108 30.16 14.90 -24.94
N ALA B 109 31.35 14.34 -25.13
CA ALA B 109 31.50 12.90 -25.34
C ALA B 109 30.70 12.00 -24.38
N ALA B 110 30.75 12.32 -23.08
CA ALA B 110 30.07 11.51 -22.07
C ALA B 110 28.58 11.31 -22.31
N ALA B 111 27.94 12.30 -22.91
CA ALA B 111 26.50 12.22 -23.15
C ALA B 111 26.15 11.35 -24.34
N PHE B 112 27.12 11.12 -25.22
CA PHE B 112 26.87 10.34 -26.43
C PHE B 112 27.38 8.91 -26.48
N THR B 113 27.99 8.45 -25.40
CA THR B 113 28.48 7.07 -25.35
C THR B 113 27.25 6.17 -25.20
N ALA B 114 27.46 4.86 -25.30
CA ALA B 114 26.36 3.91 -25.15
C ALA B 114 25.65 4.11 -23.81
N ARG B 115 26.44 4.27 -22.75
CA ARG B 115 25.85 4.47 -21.42
C ARG B 115 25.21 5.85 -21.34
N GLY B 116 25.87 6.84 -21.94
CA GLY B 116 25.34 8.19 -21.93
C GLY B 116 23.95 8.33 -22.50
N VAL B 117 23.72 7.79 -23.69
CA VAL B 117 22.40 7.93 -24.29
C VAL B 117 21.30 7.11 -23.61
N GLU B 118 21.68 6.06 -22.90
CA GLU B 118 20.68 5.25 -22.20
C GLU B 118 19.90 6.11 -21.22
N ARG B 119 20.51 7.22 -20.79
CA ARG B 119 19.84 8.13 -19.87
C ARG B 119 18.45 8.56 -20.36
N VAL B 120 18.32 8.77 -21.67
CA VAL B 120 17.05 9.22 -22.25
C VAL B 120 16.18 8.15 -22.91
N ARG B 121 16.55 6.88 -22.76
CA ARG B 121 15.78 5.82 -23.39
C ARG B 121 14.31 5.75 -22.99
N GLU B 122 14.04 5.66 -21.68
CA GLU B 122 12.67 5.56 -21.22
C GLU B 122 11.78 6.74 -21.64
N ARG B 123 12.27 7.97 -21.46
CA ARG B 123 11.46 9.11 -21.88
C ARG B 123 11.26 9.10 -23.38
N SER B 124 12.30 8.72 -24.12
CA SER B 124 12.19 8.66 -25.58
C SER B 124 11.15 7.65 -26.02
N ARG B 125 11.13 6.49 -25.36
CA ARG B 125 10.17 5.44 -25.69
C ARG B 125 8.76 6.00 -25.49
N GLY B 126 8.58 6.77 -24.42
CA GLY B 126 7.28 7.36 -24.13
C GLY B 126 6.89 8.37 -25.21
N MET B 127 7.85 9.20 -25.61
CA MET B 127 7.61 10.20 -26.63
C MET B 127 7.18 9.53 -27.94
N LEU B 128 7.81 8.40 -28.25
CA LEU B 128 7.48 7.67 -29.47
C LEU B 128 6.07 7.08 -29.40
N ASP B 129 5.65 6.61 -28.24
CA ASP B 129 4.31 6.04 -28.12
C ASP B 129 3.25 7.11 -28.33
N GLU B 130 3.54 8.34 -27.92
CA GLU B 130 2.61 9.45 -28.13
C GLU B 130 2.47 9.72 -29.62
N LEU B 131 3.58 9.70 -30.35
CA LEU B 131 3.55 9.92 -31.79
C LEU B 131 2.76 8.83 -32.49
N VAL B 132 3.02 7.57 -32.09
CA VAL B 132 2.32 6.44 -32.68
C VAL B 132 0.85 6.47 -32.27
N ASP B 133 0.58 6.84 -31.01
CA ASP B 133 -0.81 6.94 -30.54
C ASP B 133 -1.58 7.87 -31.47
N ALA B 134 -0.99 9.02 -31.77
CA ALA B 134 -1.63 10.01 -32.63
C ALA B 134 -1.85 9.50 -34.05
N MET B 135 -0.86 8.79 -34.59
CA MET B 135 -0.98 8.27 -35.95
C MET B 135 -2.11 7.25 -36.01
N LEU B 136 -2.17 6.36 -35.02
CA LEU B 136 -3.20 5.34 -34.98
C LEU B 136 -4.60 5.95 -34.84
N ARG B 137 -4.72 6.96 -33.98
CA ARG B 137 -6.01 7.59 -33.77
C ARG B 137 -6.53 8.26 -35.04
N ALA B 138 -5.62 8.84 -35.82
CA ALA B 138 -5.99 9.53 -37.05
C ALA B 138 -6.52 8.58 -38.13
N GLY B 139 -6.06 7.32 -38.12
CA GLY B 139 -6.55 6.38 -39.13
C GLY B 139 -5.52 6.09 -40.21
N PRO B 140 -5.49 4.83 -40.69
CA PRO B 140 -4.67 4.13 -41.69
C PRO B 140 -3.80 4.85 -42.70
N PRO B 141 -4.38 5.57 -43.65
CA PRO B 141 -3.42 6.21 -44.56
C PRO B 141 -2.54 7.24 -43.85
N ALA B 142 -1.22 7.04 -43.86
CA ALA B 142 -0.30 8.00 -43.22
C ALA B 142 1.09 8.05 -43.83
N ASP B 143 1.78 9.16 -43.63
CA ASP B 143 3.14 9.33 -44.13
C ASP B 143 4.00 9.09 -42.89
N LEU B 144 4.61 7.92 -42.80
CA LEU B 144 5.43 7.57 -41.65
C LEU B 144 6.52 8.59 -41.34
N THR B 145 7.02 9.26 -42.38
CA THR B 145 8.08 10.24 -42.15
C THR B 145 7.52 11.45 -41.39
N GLU B 146 6.47 12.06 -41.93
CA GLU B 146 5.86 13.23 -41.29
C GLU B 146 5.28 12.92 -39.91
N ALA B 147 4.67 11.76 -39.75
CA ALA B 147 4.04 11.41 -38.48
C ALA B 147 4.96 10.86 -37.40
N VAL B 148 6.04 10.21 -37.80
CA VAL B 148 6.92 9.61 -36.81
C VAL B 148 8.42 9.82 -36.96
N LEU B 149 8.96 9.43 -38.12
CA LEU B 149 10.40 9.51 -38.37
C LEU B 149 11.03 10.89 -38.32
N SER B 150 10.26 11.92 -38.66
CA SER B 150 10.78 13.29 -38.62
C SER B 150 10.69 13.88 -37.21
N PRO B 151 9.50 13.85 -36.58
CA PRO B 151 9.41 14.43 -35.24
C PRO B 151 10.14 13.71 -34.11
N PHE B 152 10.28 12.38 -34.21
CA PHE B 152 10.93 11.62 -33.14
C PHE B 152 12.38 12.01 -32.84
N PRO B 153 13.27 12.00 -33.85
CA PRO B 153 14.66 12.37 -33.55
C PRO B 153 14.77 13.74 -32.88
N ILE B 154 13.92 14.67 -33.28
CA ILE B 154 13.95 16.01 -32.70
C ILE B 154 13.52 15.98 -31.23
N ALA B 155 12.47 15.21 -30.94
CA ALA B 155 12.00 15.11 -29.57
C ALA B 155 13.08 14.48 -28.70
N VAL B 156 13.78 13.48 -29.23
CA VAL B 156 14.83 12.81 -28.46
C VAL B 156 16.02 13.71 -28.16
N ILE B 157 16.51 14.42 -29.17
CA ILE B 157 17.67 15.28 -28.95
C ILE B 157 17.34 16.41 -27.96
N CYS B 158 16.10 16.88 -27.96
CA CYS B 158 15.73 17.94 -27.01
C CYS B 158 15.94 17.43 -25.59
N GLU B 159 15.60 16.17 -25.37
CA GLU B 159 15.74 15.54 -24.06
C GLU B 159 17.20 15.42 -23.67
N LEU B 160 18.03 14.92 -24.60
CA LEU B 160 19.44 14.73 -24.32
C LEU B 160 20.15 16.08 -24.12
N MET B 161 19.77 17.08 -24.91
CA MET B 161 20.36 18.42 -24.84
C MET B 161 19.98 19.17 -23.57
N GLY B 162 18.84 18.80 -22.99
CA GLY B 162 18.38 19.46 -21.78
C GLY B 162 17.60 20.74 -22.07
N VAL B 163 16.96 20.80 -23.23
CA VAL B 163 16.17 21.99 -23.57
C VAL B 163 14.93 22.03 -22.71
N PRO B 164 14.67 23.16 -22.04
CA PRO B 164 13.47 23.23 -21.20
C PRO B 164 12.24 22.87 -22.04
N ALA B 165 11.32 22.11 -21.44
CA ALA B 165 10.11 21.68 -22.12
C ALA B 165 9.40 22.80 -22.85
N THR B 166 9.24 23.94 -22.17
CA THR B 166 8.57 25.10 -22.72
C THR B 166 9.16 25.63 -24.03
N ASP B 167 10.42 25.35 -24.31
CA ASP B 167 11.01 25.85 -25.54
C ASP B 167 11.26 24.79 -26.61
N ARG B 168 10.88 23.55 -26.32
CA ARG B 168 11.08 22.47 -27.30
C ARG B 168 10.23 22.68 -28.55
N HIS B 169 9.11 23.37 -28.37
CA HIS B 169 8.21 23.64 -29.49
C HIS B 169 8.95 24.53 -30.48
N SER B 170 9.72 25.47 -29.96
CA SER B 170 10.50 26.38 -30.80
C SER B 170 11.60 25.64 -31.55
N MET B 171 12.16 24.62 -30.93
CA MET B 171 13.21 23.83 -31.55
C MET B 171 12.68 23.10 -32.79
N HIS B 172 11.51 22.49 -32.64
CA HIS B 172 10.89 21.77 -33.76
C HIS B 172 10.70 22.72 -34.94
N THR B 173 10.11 23.89 -34.68
CA THR B 173 9.87 24.86 -35.74
C THR B 173 11.17 25.36 -36.38
N TRP B 174 12.12 25.80 -35.56
CA TRP B 174 13.39 26.29 -36.05
C TRP B 174 14.08 25.24 -36.94
N THR B 175 14.12 24.00 -36.46
CA THR B 175 14.76 22.92 -37.18
C THR B 175 14.22 22.71 -38.59
N GLN B 176 12.89 22.64 -38.71
N GLN B 176 12.90 22.64 -38.70
CA GLN B 176 12.27 22.44 -40.01
CA GLN B 176 12.29 22.43 -40.01
C GLN B 176 12.48 23.67 -40.89
C GLN B 176 12.50 23.66 -40.89
N LEU B 177 12.52 24.84 -40.26
CA LEU B 177 12.74 26.08 -40.99
C LEU B 177 14.19 26.11 -41.50
N ILE B 178 15.10 25.56 -40.71
CA ILE B 178 16.51 25.53 -41.07
C ILE B 178 16.77 24.48 -42.14
N LEU B 179 16.04 23.37 -42.05
CA LEU B 179 16.20 22.30 -43.02
C LEU B 179 15.46 22.65 -44.31
N SER B 180 15.71 23.73 -44.83
CA SER B 180 14.98 24.50 -45.84
C SER B 180 14.22 24.08 -47.06
N SER B 181 12.94 24.55 -46.79
CA SER B 181 11.61 24.45 -47.48
C SER B 181 10.53 25.41 -46.84
N SER B 182 9.51 25.80 -47.59
CA SER B 182 8.47 26.74 -47.11
C SER B 182 8.90 28.20 -47.20
N HIS B 183 10.02 28.54 -47.34
CA HIS B 183 10.54 29.84 -47.72
C HIS B 183 11.98 29.56 -48.13
N GLY B 184 12.75 30.60 -48.46
CA GLY B 184 14.10 30.34 -48.92
C GLY B 184 15.24 30.41 -47.93
N ALA B 185 16.46 30.51 -48.46
CA ALA B 185 17.65 30.62 -47.64
C ALA B 185 17.27 31.69 -46.64
N GLU B 186 16.34 32.54 -47.07
CA GLU B 186 15.81 33.61 -46.27
C GLU B 186 15.39 33.09 -44.90
N VAL B 187 14.11 32.78 -44.76
CA VAL B 187 13.55 32.27 -43.51
C VAL B 187 14.45 31.26 -42.80
N SER B 188 15.26 30.55 -43.59
CA SER B 188 16.17 29.55 -43.04
C SER B 188 17.29 30.17 -42.22
N GLU B 189 17.82 31.30 -42.68
CA GLU B 189 18.90 31.98 -41.99
C GLU B 189 18.45 32.59 -40.67
N ARG B 190 17.25 33.18 -40.69
CA ARG B 190 16.70 33.79 -39.49
C ARG B 190 16.53 32.77 -38.37
N ALA B 191 15.95 31.61 -38.71
CA ALA B 191 15.75 30.55 -37.72
C ALA B 191 17.12 30.08 -37.21
N LYS B 192 18.10 30.09 -38.09
CA LYS B 192 19.45 29.67 -37.74
C LYS B 192 20.03 30.66 -36.73
N ASN B 193 19.87 31.95 -37.01
CA ASN B 193 20.39 32.96 -36.09
C ASN B 193 19.64 32.89 -34.76
N GLU B 194 18.34 32.65 -34.82
CA GLU B 194 17.55 32.56 -33.60
C GLU B 194 17.96 31.35 -32.77
N MET B 195 18.22 30.22 -33.42
CA MET B 195 18.62 29.04 -32.66
C MET B 195 20.01 29.25 -32.06
N ASN B 196 20.90 29.89 -32.80
CA ASN B 196 22.24 30.16 -32.31
C ASN B 196 22.16 31.04 -31.07
N ALA B 197 21.41 32.13 -31.19
CA ALA B 197 21.24 33.06 -30.09
C ALA B 197 20.65 32.36 -28.88
N TYR B 198 19.63 31.54 -29.10
CA TYR B 198 19.00 30.81 -28.02
C TYR B 198 20.03 29.96 -27.26
N PHE B 199 20.76 29.11 -27.98
CA PHE B 199 21.75 28.26 -27.33
C PHE B 199 22.85 29.09 -26.65
N SER B 200 23.20 30.22 -27.24
CA SER B 200 24.22 31.06 -26.63
C SER B 200 23.73 31.47 -25.25
N ASP B 201 22.44 31.80 -25.16
CA ASP B 201 21.86 32.22 -23.90
C ASP B 201 21.70 31.07 -22.93
N LEU B 202 21.20 29.93 -23.40
CA LEU B 202 21.01 28.77 -22.52
C LEU B 202 22.34 28.24 -22.02
N ILE B 203 23.33 28.17 -22.91
CA ILE B 203 24.66 27.68 -22.53
C ILE B 203 25.34 28.65 -21.58
N GLY B 204 25.34 29.93 -21.94
CA GLY B 204 25.98 30.94 -21.10
C GLY B 204 25.30 30.95 -19.75
N LEU B 205 23.98 31.07 -19.80
CA LEU B 205 23.19 31.06 -18.59
C LEU B 205 23.62 29.83 -17.84
N ARG B 206 23.09 28.73 -18.35
CA ARG B 206 23.33 27.43 -17.80
C ARG B 206 24.80 27.12 -17.68
N SER B 207 25.00 25.93 -17.16
CA SER B 207 26.28 25.32 -16.95
C SER B 207 27.52 26.07 -16.59
N ASP B 208 27.38 27.21 -15.96
CA ASP B 208 28.58 27.82 -15.50
C ASP B 208 28.63 26.94 -14.23
N SER B 209 27.92 25.80 -14.32
CA SER B 209 27.78 24.82 -13.24
C SER B 209 27.52 23.34 -13.67
N ALA B 210 26.76 22.62 -12.85
CA ALA B 210 26.44 21.20 -13.06
C ALA B 210 25.36 20.80 -14.06
N GLY B 211 25.16 19.48 -14.19
CA GLY B 211 24.17 18.94 -15.11
C GLY B 211 24.76 17.89 -16.04
N GLU B 212 23.99 16.86 -16.35
CA GLU B 212 24.42 15.76 -17.23
C GLU B 212 24.02 15.97 -18.69
N ASP B 213 23.02 16.82 -18.91
CA ASP B 213 22.53 17.12 -20.26
C ASP B 213 23.62 17.83 -21.04
N VAL B 214 23.58 17.73 -22.37
CA VAL B 214 24.60 18.33 -23.22
C VAL B 214 24.80 19.84 -23.05
N THR B 215 23.70 20.60 -22.98
CA THR B 215 23.87 22.05 -22.82
C THR B 215 24.53 22.33 -21.48
N SER B 216 24.30 21.45 -20.52
CA SER B 216 24.92 21.63 -19.22
C SER B 216 26.42 21.31 -19.33
N LEU B 217 26.77 20.27 -20.07
CA LEU B 217 28.18 19.95 -20.22
C LEU B 217 28.86 21.08 -20.97
N LEU B 218 28.20 21.62 -22.00
CA LEU B 218 28.77 22.71 -22.79
C LEU B 218 28.98 23.98 -21.98
N GLY B 219 27.95 24.40 -21.24
CA GLY B 219 28.07 25.60 -20.45
C GLY B 219 29.16 25.49 -19.40
N ALA B 220 29.35 24.28 -18.87
CA ALA B 220 30.36 24.02 -17.85
C ALA B 220 31.75 24.13 -18.46
N ALA B 221 31.86 23.65 -19.69
CA ALA B 221 33.12 23.68 -20.42
C ALA B 221 33.53 25.12 -20.77
N VAL B 222 32.58 25.95 -21.20
CA VAL B 222 32.95 27.32 -21.54
C VAL B 222 33.27 28.04 -20.24
N GLY B 223 32.58 27.65 -19.17
CA GLY B 223 32.81 28.26 -17.88
C GLY B 223 34.24 28.05 -17.39
N ARG B 224 34.83 26.93 -17.79
CA ARG B 224 36.20 26.60 -17.41
C ARG B 224 37.16 26.95 -18.55
N ASP B 225 36.63 27.58 -19.58
CA ASP B 225 37.41 27.97 -20.76
C ASP B 225 38.04 26.79 -21.49
N GLU B 226 37.35 25.66 -21.49
CA GLU B 226 37.87 24.48 -22.19
C GLU B 226 37.52 24.66 -23.65
N ILE B 227 36.44 25.41 -23.89
CA ILE B 227 35.98 25.73 -25.23
C ILE B 227 35.34 27.12 -25.12
N THR B 228 35.25 27.83 -26.24
CA THR B 228 34.64 29.15 -26.20
C THR B 228 33.14 29.01 -26.36
N LEU B 229 32.41 30.09 -26.09
CA LEU B 229 30.97 30.08 -26.21
C LEU B 229 30.57 29.84 -27.67
N SER B 230 31.27 30.49 -28.59
CA SER B 230 31.01 30.35 -30.02
C SER B 230 31.18 28.90 -30.47
N GLU B 231 32.24 28.25 -29.98
CA GLU B 231 32.51 26.85 -30.31
C GLU B 231 31.39 25.96 -29.80
N ALA B 232 30.92 26.25 -28.59
CA ALA B 232 29.87 25.49 -27.95
C ALA B 232 28.53 25.65 -28.69
N VAL B 233 28.19 26.90 -29.01
CA VAL B 233 26.93 27.15 -29.72
C VAL B 233 26.91 26.40 -31.05
N GLY B 234 28.01 26.46 -31.79
CA GLY B 234 28.09 25.78 -33.07
C GLY B 234 27.84 24.29 -32.95
N LEU B 235 28.46 23.66 -31.96
CA LEU B 235 28.30 22.22 -31.78
C LEU B 235 26.88 21.92 -31.32
N ALA B 236 26.36 22.72 -30.40
CA ALA B 236 25.01 22.52 -29.89
C ALA B 236 24.00 22.49 -31.05
N VAL B 237 24.12 23.45 -31.97
CA VAL B 237 23.22 23.54 -33.11
C VAL B 237 23.34 22.34 -34.05
N LEU B 238 24.57 21.90 -34.33
CA LEU B 238 24.77 20.75 -35.20
C LEU B 238 24.13 19.49 -34.61
N LEU B 239 24.29 19.30 -33.30
CA LEU B 239 23.72 18.13 -32.63
C LEU B 239 22.21 18.25 -32.62
N GLN B 240 21.72 19.47 -32.38
CA GLN B 240 20.27 19.72 -32.33
C GLN B 240 19.55 19.42 -33.63
N ILE B 241 20.18 19.71 -34.77
CA ILE B 241 19.53 19.47 -36.06
C ILE B 241 20.04 18.23 -36.79
N GLY B 242 20.95 17.49 -36.15
CA GLY B 242 21.50 16.31 -36.78
C GLY B 242 20.59 15.10 -36.85
N GLY B 243 19.43 15.18 -36.20
CA GLY B 243 18.50 14.07 -36.18
C GLY B 243 17.94 13.73 -37.55
N GLU B 244 17.97 14.68 -38.46
CA GLU B 244 17.48 14.47 -39.82
C GLU B 244 18.18 13.25 -40.42
N ALA B 245 19.39 12.96 -39.95
CA ALA B 245 20.12 11.82 -40.48
C ALA B 245 19.40 10.54 -40.10
N VAL B 246 18.82 10.50 -38.90
CA VAL B 246 18.09 9.31 -38.46
C VAL B 246 16.77 9.25 -39.22
N THR B 247 16.15 10.41 -39.41
CA THR B 247 14.89 10.44 -40.15
C THR B 247 15.12 9.82 -41.53
N ASN B 248 16.15 10.26 -42.23
CA ASN B 248 16.48 9.77 -43.56
C ASN B 248 16.88 8.28 -43.54
N ASN B 249 17.79 7.92 -42.63
CA ASN B 249 18.27 6.54 -42.55
C ASN B 249 17.21 5.55 -42.11
N SER B 250 16.44 5.88 -41.08
CA SER B 250 15.39 4.99 -40.62
C SER B 250 14.32 4.90 -41.69
N GLY B 251 14.20 5.94 -42.51
CA GLY B 251 13.22 5.93 -43.59
C GLY B 251 13.60 4.83 -44.57
N GLN B 252 14.90 4.69 -44.84
CA GLN B 252 15.36 3.65 -45.74
C GLN B 252 15.17 2.30 -45.05
N MET B 253 15.41 2.25 -43.74
CA MET B 253 15.23 0.99 -43.00
C MET B 253 13.80 0.47 -43.17
N PHE B 254 12.83 1.34 -42.94
CA PHE B 254 11.45 0.92 -43.07
C PHE B 254 11.04 0.65 -44.52
N HIS B 255 11.63 1.38 -45.46
CA HIS B 255 11.31 1.13 -46.86
C HIS B 255 11.76 -0.31 -47.16
N LEU B 256 12.89 -0.70 -46.58
CA LEU B 256 13.41 -2.05 -46.77
C LEU B 256 12.57 -3.10 -46.04
N LEU B 257 12.23 -2.82 -44.79
CA LEU B 257 11.46 -3.75 -43.97
C LEU B 257 10.07 -4.00 -44.51
N LEU B 258 9.52 -3.01 -45.23
CA LEU B 258 8.19 -3.18 -45.78
C LEU B 258 8.19 -3.73 -47.20
N SER B 259 9.19 -3.35 -47.99
CA SER B 259 9.31 -3.82 -49.38
C SER B 259 9.82 -5.25 -49.42
N ARG B 260 10.57 -5.64 -48.39
CA ARG B 260 11.12 -6.98 -48.28
C ARG B 260 10.53 -7.60 -47.01
N PRO B 261 9.26 -8.05 -47.10
CA PRO B 261 8.47 -8.66 -46.04
C PRO B 261 9.22 -9.62 -45.13
N GLU B 262 10.09 -10.45 -45.71
CA GLU B 262 10.82 -11.42 -44.92
C GLU B 262 11.69 -10.77 -43.84
N LEU B 263 12.14 -9.55 -44.09
CA LEU B 263 12.97 -8.86 -43.11
C LEU B 263 12.13 -8.47 -41.89
N ALA B 264 10.97 -7.86 -42.15
CA ALA B 264 10.08 -7.45 -41.08
C ALA B 264 9.61 -8.69 -40.31
N GLU B 265 9.26 -9.73 -41.05
CA GLU B 265 8.79 -10.97 -40.45
C GLU B 265 9.83 -11.56 -39.50
N ARG B 266 11.11 -11.41 -39.82
CA ARG B 266 12.16 -11.95 -38.97
C ARG B 266 12.23 -11.18 -37.65
N LEU B 267 12.10 -9.85 -37.72
CA LEU B 267 12.15 -9.03 -36.52
C LEU B 267 10.91 -9.18 -35.63
N ARG B 268 9.80 -9.66 -36.19
CA ARG B 268 8.61 -9.88 -35.38
C ARG B 268 8.71 -11.26 -34.75
N SER B 269 9.29 -12.20 -35.49
CA SER B 269 9.45 -13.57 -35.03
C SER B 269 10.55 -13.72 -33.97
N GLU B 270 11.62 -12.93 -34.10
CA GLU B 270 12.73 -13.00 -33.16
C GLU B 270 13.17 -11.59 -32.75
N PRO B 271 12.38 -10.93 -31.89
CA PRO B 271 12.67 -9.57 -31.41
C PRO B 271 14.07 -9.42 -30.82
N GLU B 272 14.60 -10.51 -30.29
CA GLU B 272 15.91 -10.51 -29.68
C GLU B 272 17.03 -10.16 -30.66
N ILE B 273 16.75 -10.28 -31.96
CA ILE B 273 17.78 -9.98 -32.95
C ILE B 273 17.71 -8.56 -33.49
N ARG B 274 16.72 -7.80 -33.02
CA ARG B 274 16.54 -6.42 -33.50
C ARG B 274 17.79 -5.54 -33.38
N PRO B 275 18.50 -5.57 -32.23
CA PRO B 275 19.69 -4.73 -32.12
C PRO B 275 20.73 -5.06 -33.19
N ARG B 276 20.99 -6.35 -33.39
CA ARG B 276 21.97 -6.78 -34.39
C ARG B 276 21.44 -6.53 -35.80
N ALA B 277 20.13 -6.69 -35.97
CA ALA B 277 19.51 -6.47 -37.27
C ALA B 277 19.64 -5.00 -37.65
N ILE B 278 19.47 -4.13 -36.66
CA ILE B 278 19.57 -2.70 -36.91
C ILE B 278 20.97 -2.33 -37.36
N ASP B 279 22.00 -2.92 -36.75
CA ASP B 279 23.37 -2.65 -37.17
C ASP B 279 23.62 -3.16 -38.59
N GLU B 280 23.01 -4.29 -38.95
CA GLU B 280 23.19 -4.82 -40.29
C GLU B 280 22.53 -3.87 -41.30
N LEU B 281 21.36 -3.34 -40.95
CA LEU B 281 20.68 -2.40 -41.84
C LEU B 281 21.53 -1.13 -41.98
N LEU B 282 22.13 -0.71 -40.87
CA LEU B 282 23.00 0.48 -40.90
C LEU B 282 24.21 0.24 -41.81
N ARG B 283 24.74 -0.97 -41.76
CA ARG B 283 25.89 -1.29 -42.61
C ARG B 283 25.52 -1.20 -44.09
N TRP B 284 24.41 -1.85 -44.44
CA TRP B 284 23.95 -1.93 -45.82
C TRP B 284 23.37 -0.67 -46.45
N ILE B 285 22.50 0.03 -45.73
CA ILE B 285 21.89 1.22 -46.28
C ILE B 285 22.85 2.27 -46.84
N PRO B 286 22.64 2.69 -48.09
CA PRO B 286 23.50 3.71 -48.74
C PRO B 286 23.04 5.04 -48.17
N HIS B 287 23.69 5.48 -47.10
CA HIS B 287 23.32 6.70 -46.40
C HIS B 287 23.40 8.02 -47.18
N ARG B 288 24.44 8.16 -48.00
CA ARG B 288 24.60 9.41 -48.74
C ARG B 288 24.90 9.19 -50.22
N ASN B 289 24.91 10.28 -50.98
CA ASN B 289 25.25 10.23 -52.40
C ASN B 289 26.74 10.50 -52.51
N ALA B 290 27.40 9.74 -53.38
CA ALA B 290 28.84 9.88 -53.59
C ALA B 290 29.59 9.96 -52.27
N VAL B 291 30.51 10.91 -52.17
CA VAL B 291 31.30 11.12 -50.96
C VAL B 291 31.06 12.54 -50.45
N GLY B 292 31.38 12.79 -49.18
CA GLY B 292 31.11 14.10 -48.61
C GLY B 292 32.23 15.11 -48.43
N LEU B 293 32.98 14.97 -47.34
CA LEU B 293 34.08 15.89 -47.03
C LEU B 293 35.41 15.17 -47.00
N SER B 294 36.34 15.64 -47.83
CA SER B 294 37.66 15.04 -47.92
C SER B 294 38.62 15.45 -46.80
N ARG B 295 39.86 14.98 -46.93
CA ARG B 295 40.91 15.30 -45.97
C ARG B 295 42.15 15.59 -46.81
N ILE B 296 42.90 16.61 -46.41
CA ILE B 296 44.10 17.00 -47.14
C ILE B 296 45.34 16.34 -46.55
N ALA B 297 46.17 15.76 -47.42
CA ALA B 297 47.40 15.12 -46.96
C ALA B 297 48.34 16.23 -46.49
N LEU B 298 48.70 16.20 -45.21
CA LEU B 298 49.58 17.20 -44.64
C LEU B 298 51.05 16.88 -44.92
N GLU B 299 51.29 15.70 -45.47
CA GLU B 299 52.63 15.25 -45.82
C GLU B 299 52.45 14.02 -46.71
N ASP B 300 53.47 13.70 -47.50
CA ASP B 300 53.39 12.55 -48.40
C ASP B 300 53.09 11.25 -47.67
N VAL B 301 52.16 10.48 -48.22
CA VAL B 301 51.75 9.20 -47.64
C VAL B 301 51.58 8.18 -48.76
N GLU B 302 51.97 6.94 -48.51
CA GLU B 302 51.84 5.90 -49.53
C GLU B 302 50.76 4.90 -49.13
N ILE B 303 49.83 4.67 -50.05
CA ILE B 303 48.73 3.75 -49.83
C ILE B 303 48.64 2.77 -51.00
N LYS B 304 48.86 1.48 -50.73
CA LYS B 304 48.81 0.47 -51.77
C LYS B 304 49.66 0.85 -53.00
N GLY B 305 50.92 1.20 -52.74
CA GLY B 305 51.82 1.55 -53.82
C GLY B 305 51.57 2.88 -54.49
N VAL B 306 50.62 3.65 -53.98
CA VAL B 306 50.31 4.95 -54.57
C VAL B 306 50.85 6.08 -53.69
N ARG B 307 51.54 7.02 -54.31
CA ARG B 307 52.10 8.15 -53.61
C ARG B 307 51.14 9.33 -53.57
N ILE B 308 50.57 9.59 -52.40
CA ILE B 308 49.67 10.74 -52.24
C ILE B 308 50.56 11.90 -51.82
N ARG B 309 50.58 12.95 -52.63
CA ARG B 309 51.43 14.11 -52.34
C ARG B 309 50.81 15.09 -51.36
N ALA B 310 51.65 15.67 -50.52
CA ALA B 310 51.19 16.65 -49.54
C ALA B 310 50.39 17.68 -50.30
N GLY B 311 49.20 17.99 -49.82
CA GLY B 311 48.35 18.96 -50.50
C GLY B 311 47.21 18.31 -51.25
N ASP B 312 47.36 17.05 -51.65
CA ASP B 312 46.27 16.38 -52.36
C ASP B 312 45.09 16.13 -51.43
N ALA B 313 43.88 16.14 -51.99
CA ALA B 313 42.69 15.86 -51.20
C ALA B 313 42.41 14.36 -51.31
N VAL B 314 41.98 13.75 -50.21
CA VAL B 314 41.68 12.33 -50.19
C VAL B 314 40.31 12.04 -49.60
N TYR B 315 39.44 11.41 -50.38
CA TYR B 315 38.10 11.05 -49.94
C TYR B 315 38.03 9.57 -49.56
N VAL B 316 37.11 9.24 -48.68
CA VAL B 316 36.89 7.86 -48.33
C VAL B 316 35.40 7.64 -48.56
N SER B 317 35.02 6.41 -48.88
CA SER B 317 33.63 6.08 -49.08
C SER B 317 33.28 5.07 -48.02
N TYR B 318 32.53 5.49 -47.01
CA TYR B 318 32.14 4.58 -45.95
C TYR B 318 31.18 3.55 -46.54
N LEU B 319 30.41 3.97 -47.54
CA LEU B 319 29.46 3.06 -48.18
C LEU B 319 30.19 1.91 -48.87
N ALA B 320 31.27 2.23 -49.57
CA ALA B 320 32.03 1.19 -50.26
C ALA B 320 32.70 0.29 -49.24
N ALA B 321 33.25 0.90 -48.19
CA ALA B 321 33.92 0.15 -47.14
C ALA B 321 32.97 -0.86 -46.50
N ASN B 322 31.71 -0.47 -46.37
CA ASN B 322 30.69 -1.34 -45.78
C ASN B 322 30.31 -2.51 -46.66
N ARG B 323 30.81 -2.52 -47.88
CA ARG B 323 30.55 -3.62 -48.81
C ARG B 323 31.89 -4.31 -49.14
N ASP B 324 32.89 -4.15 -48.27
CA ASP B 324 34.18 -4.79 -48.50
C ASP B 324 33.92 -6.30 -48.44
N PRO B 325 34.15 -7.03 -49.56
CA PRO B 325 33.92 -8.48 -49.59
C PRO B 325 34.80 -9.32 -48.66
N GLU B 326 35.93 -8.76 -48.24
CA GLU B 326 36.82 -9.48 -47.35
C GLU B 326 36.31 -9.38 -45.92
N VAL B 327 35.92 -8.17 -45.53
CA VAL B 327 35.42 -7.91 -44.19
C VAL B 327 33.97 -8.37 -44.03
N PHE B 328 33.18 -8.22 -45.09
CA PHE B 328 31.77 -8.62 -45.06
C PHE B 328 31.45 -9.59 -46.19
N PRO B 329 31.76 -10.89 -46.02
CA PRO B 329 31.47 -11.88 -47.06
C PRO B 329 30.03 -11.75 -47.56
N ASP B 330 29.85 -11.88 -48.87
CA ASP B 330 28.53 -11.75 -49.47
C ASP B 330 28.03 -10.39 -48.95
N PRO B 331 28.77 -9.32 -49.25
CA PRO B 331 28.46 -7.95 -48.83
C PRO B 331 27.11 -7.34 -49.18
N ASP B 332 26.54 -7.70 -50.32
CA ASP B 332 25.27 -7.12 -50.71
C ASP B 332 24.08 -7.83 -50.09
N ARG B 333 24.34 -8.89 -49.34
CA ARG B 333 23.27 -9.62 -48.71
C ARG B 333 22.99 -9.05 -47.33
N ILE B 334 21.72 -8.85 -47.01
CA ILE B 334 21.34 -8.35 -45.70
C ILE B 334 21.16 -9.57 -44.79
N ASP B 335 22.11 -9.76 -43.89
CA ASP B 335 22.07 -10.90 -42.97
C ASP B 335 22.05 -10.43 -41.53
N PHE B 336 20.86 -10.48 -40.91
CA PHE B 336 20.71 -10.05 -39.53
C PHE B 336 21.58 -10.81 -38.53
N GLU B 337 22.11 -11.96 -38.94
CA GLU B 337 22.97 -12.76 -38.07
C GLU B 337 24.44 -12.50 -38.33
N ARG B 338 24.72 -11.60 -39.26
CA ARG B 338 26.08 -11.22 -39.64
C ARG B 338 26.98 -11.28 -38.41
N SER B 339 27.92 -12.22 -38.40
CA SER B 339 28.83 -12.40 -37.26
C SER B 339 29.61 -11.11 -36.96
N PRO B 340 30.93 -11.07 -37.25
CA PRO B 340 31.50 -9.76 -36.89
C PRO B 340 30.87 -8.76 -37.84
N ASN B 341 30.58 -7.55 -37.36
CA ASN B 341 29.99 -6.53 -38.22
C ASN B 341 30.63 -5.19 -37.92
N PRO B 342 31.92 -5.04 -38.24
CA PRO B 342 32.68 -3.81 -38.02
C PRO B 342 32.37 -2.71 -39.03
N HIS B 343 31.09 -2.43 -39.26
CA HIS B 343 30.74 -1.41 -40.25
C HIS B 343 31.18 -0.01 -39.84
N VAL B 344 31.28 0.87 -40.82
CA VAL B 344 31.69 2.25 -40.57
C VAL B 344 30.65 3.27 -41.05
N SER B 345 29.37 2.95 -40.90
CA SER B 345 28.32 3.87 -41.33
C SER B 345 28.33 5.17 -40.52
N PHE B 346 28.92 5.11 -39.33
CA PHE B 346 29.04 6.29 -38.48
C PHE B 346 30.46 6.86 -38.59
N GLY B 347 31.13 6.53 -39.68
CA GLY B 347 32.48 7.03 -39.88
C GLY B 347 33.52 6.32 -39.03
N PHE B 348 34.72 6.89 -39.00
CA PHE B 348 35.81 6.29 -38.24
C PHE B 348 36.84 7.36 -37.91
N GLY B 349 37.69 7.09 -36.92
CA GLY B 349 38.69 8.07 -36.54
C GLY B 349 38.09 9.14 -35.64
N PRO B 350 38.83 10.23 -35.38
CA PRO B 350 38.36 11.32 -34.52
C PRO B 350 37.02 11.96 -34.91
N HIS B 351 36.75 12.04 -36.20
CA HIS B 351 35.50 12.64 -36.68
C HIS B 351 34.32 11.68 -36.73
N TYR B 352 34.47 10.49 -36.15
CA TYR B 352 33.38 9.52 -36.16
C TYR B 352 32.16 10.17 -35.54
N CYS B 353 30.98 9.80 -36.03
CA CYS B 353 29.73 10.37 -35.58
C CYS B 353 29.45 10.34 -34.07
N PRO B 354 29.28 11.52 -33.44
CA PRO B 354 29.00 11.47 -32.01
C PRO B 354 27.59 10.91 -31.76
N GLY B 355 26.73 11.05 -32.75
CA GLY B 355 25.36 10.58 -32.60
C GLY B 355 25.11 9.11 -32.89
N GLY B 356 26.18 8.36 -33.16
CA GLY B 356 26.05 6.94 -33.47
C GLY B 356 25.30 6.06 -32.50
N MET B 357 25.61 6.16 -31.21
CA MET B 357 24.92 5.35 -30.22
C MET B 357 23.47 5.81 -30.06
N LEU B 358 23.25 7.11 -30.17
CA LEU B 358 21.91 7.66 -30.05
C LEU B 358 21.08 7.22 -31.25
N ALA B 359 21.73 7.15 -32.42
CA ALA B 359 21.03 6.73 -33.64
C ALA B 359 20.58 5.29 -33.50
N ARG B 360 21.40 4.45 -32.89
CA ARG B 360 21.03 3.05 -32.72
C ARG B 360 19.87 2.94 -31.74
N LEU B 361 19.90 3.76 -30.69
CA LEU B 361 18.83 3.76 -29.68
C LEU B 361 17.51 4.18 -30.32
N GLU B 362 17.54 5.28 -31.07
CA GLU B 362 16.34 5.75 -31.74
C GLU B 362 15.83 4.68 -32.70
N SER B 363 16.75 4.05 -33.44
CA SER B 363 16.34 3.01 -34.39
C SER B 363 15.71 1.82 -33.70
N GLU B 364 16.24 1.42 -32.55
CA GLU B 364 15.70 0.29 -31.80
C GLU B 364 14.28 0.60 -31.34
N LEU B 365 14.08 1.79 -30.78
CA LEU B 365 12.77 2.18 -30.32
C LEU B 365 11.79 2.26 -31.49
N LEU B 366 12.24 2.83 -32.60
CA LEU B 366 11.41 2.96 -33.79
C LEU B 366 10.98 1.60 -34.33
N VAL B 367 11.92 0.67 -34.44
CA VAL B 367 11.61 -0.65 -34.93
C VAL B 367 10.59 -1.33 -34.02
N ASP B 368 10.77 -1.20 -32.70
CA ASP B 368 9.84 -1.81 -31.75
C ASP B 368 8.41 -1.31 -31.95
N ALA B 369 8.26 0.02 -31.90
CA ALA B 369 6.96 0.65 -32.03
C ALA B 369 6.28 0.40 -33.37
N VAL B 370 7.01 0.62 -34.46
CA VAL B 370 6.46 0.44 -35.79
C VAL B 370 6.09 -1.01 -36.14
N LEU B 371 6.92 -1.96 -35.74
CA LEU B 371 6.64 -3.36 -36.05
C LEU B 371 5.68 -4.03 -35.07
N ASP B 372 5.56 -3.49 -33.86
CA ASP B 372 4.69 -4.10 -32.85
C ASP B 372 3.35 -3.42 -32.61
N ARG B 373 3.21 -2.16 -33.02
CA ARG B 373 1.96 -1.46 -32.75
C ARG B 373 1.09 -1.05 -33.92
N VAL B 374 1.49 -1.43 -35.14
CA VAL B 374 0.71 -1.06 -36.32
C VAL B 374 0.28 -2.31 -37.07
N PRO B 375 -0.88 -2.88 -36.68
CA PRO B 375 -1.45 -4.10 -37.28
C PRO B 375 -1.67 -4.07 -38.79
N GLY B 376 -0.99 -4.98 -39.48
CA GLY B 376 -1.13 -5.07 -40.92
C GLY B 376 -0.36 -4.04 -41.71
N LEU B 377 0.60 -3.40 -41.05
CA LEU B 377 1.44 -2.37 -41.65
C LEU B 377 2.06 -2.80 -42.99
N LYS B 378 1.95 -1.93 -43.99
CA LYS B 378 2.52 -2.20 -45.31
C LYS B 378 2.58 -0.87 -46.06
N LEU B 379 3.33 -0.83 -47.16
CA LEU B 379 3.44 0.38 -47.95
C LEU B 379 2.09 0.65 -48.62
N ALA B 380 1.75 1.93 -48.79
CA ALA B 380 0.48 2.29 -49.41
C ALA B 380 0.67 2.48 -50.91
N VAL B 381 1.91 2.31 -51.37
CA VAL B 381 2.26 2.43 -52.77
C VAL B 381 3.27 1.34 -53.13
N ALA B 382 3.50 1.14 -54.42
CA ALA B 382 4.48 0.15 -54.87
C ALA B 382 5.81 0.65 -54.31
N PRO B 383 6.74 -0.26 -53.99
CA PRO B 383 8.03 0.19 -53.46
C PRO B 383 8.75 1.23 -54.32
N GLU B 384 8.71 1.04 -55.65
CA GLU B 384 9.38 1.98 -56.55
C GLU B 384 8.67 3.33 -56.66
N ASP B 385 7.47 3.42 -56.07
CA ASP B 385 6.71 4.67 -56.12
C ASP B 385 6.87 5.53 -54.88
N VAL B 386 7.74 5.10 -53.96
CA VAL B 386 8.02 5.89 -52.77
C VAL B 386 9.02 6.95 -53.24
N PRO B 387 8.71 8.23 -53.01
CA PRO B 387 9.62 9.30 -53.44
C PRO B 387 10.86 9.46 -52.56
N PHE B 388 12.02 9.48 -53.20
CA PHE B 388 13.28 9.66 -52.47
C PHE B 388 13.84 11.05 -52.78
N LYS B 389 14.65 11.58 -51.86
CA LYS B 389 15.24 12.91 -52.02
C LYS B 389 16.07 13.04 -53.29
N LYS B 390 15.83 14.13 -54.03
CA LYS B 390 16.56 14.41 -55.26
C LYS B 390 17.60 15.50 -55.02
N GLY B 391 18.71 15.43 -55.75
CA GLY B 391 19.77 16.42 -55.59
C GLY B 391 20.22 16.52 -54.15
N ALA B 392 20.15 15.41 -53.43
CA ALA B 392 20.51 15.41 -52.02
C ALA B 392 21.94 14.98 -51.73
N LEU B 393 22.36 15.24 -50.50
CA LEU B 393 23.69 14.84 -50.04
C LEU B 393 23.47 13.55 -49.27
N ILE B 394 22.44 13.55 -48.41
CA ILE B 394 22.08 12.37 -47.63
C ILE B 394 20.82 11.80 -48.28
N ARG B 395 20.84 10.51 -48.58
CA ARG B 395 19.72 9.85 -49.25
C ARG B 395 18.60 9.48 -48.30
N GLY B 396 17.41 9.28 -48.86
CA GLY B 396 16.28 8.91 -48.03
C GLY B 396 14.95 9.29 -48.63
N PRO B 397 13.86 8.72 -48.11
CA PRO B 397 12.54 9.06 -48.66
C PRO B 397 12.12 10.48 -48.33
N GLU B 398 11.33 11.07 -49.23
CA GLU B 398 10.82 12.42 -49.03
C GLU B 398 9.57 12.21 -48.17
N ALA B 399 8.96 11.05 -48.36
CA ALA B 399 7.77 10.63 -47.64
C ALA B 399 7.73 9.10 -47.68
N LEU B 400 7.04 8.49 -46.73
CA LEU B 400 6.94 7.03 -46.71
C LEU B 400 5.49 6.63 -46.45
N PRO B 401 4.68 6.57 -47.51
CA PRO B 401 3.26 6.20 -47.42
C PRO B 401 3.01 4.78 -46.95
N VAL B 402 2.33 4.66 -45.81
CA VAL B 402 2.01 3.35 -45.26
C VAL B 402 0.53 3.25 -44.94
N THR B 403 0.03 2.03 -44.82
CA THR B 403 -1.36 1.83 -44.48
C THR B 403 -1.44 0.62 -43.57
N TRP B 404 -2.60 0.40 -42.97
CA TRP B 404 -2.77 -0.71 -42.04
C TRP B 404 -4.24 -0.90 -41.70
N HIS B 405 -4.52 -1.86 -40.82
CA HIS B 405 -5.89 -2.16 -40.39
C HIS B 405 -6.30 -1.21 -39.26
N HIS B 406 -7.35 -0.44 -39.47
CA HIS B 406 -7.79 0.49 -38.43
C HIS B 406 -8.47 -0.27 -37.30
#